data_8WCS
#
_entry.id   8WCS
#
_cell.length_a   1.00
_cell.length_b   1.00
_cell.length_c   1.00
_cell.angle_alpha   90.00
_cell.angle_beta   90.00
_cell.angle_gamma   90.00
#
_symmetry.space_group_name_H-M   'P 1'
#
loop_
_entity.id
_entity.type
_entity.pdbx_description
1 polymer Cas13h1
2 polymer '66-nt crRNA'
3 non-polymer 'MAGNESIUM ION'
#
loop_
_entity_poly.entity_id
_entity_poly.type
_entity_poly.pdbx_seq_one_letter_code
_entity_poly.pdbx_strand_id
1 'polypeptide(L)'
;MDTPSKESSGKIIEKLDELKKATQESIEQRKKFDYRIGKGLADKLGNEKDSYFEKYLRKTVGENIPPKILVKPKGGWKTE
TKGKGKDWGDKITFAAMPQHHYNTLLAMAFTKAHKVYSDIRGKVEIDAAQYETKAKLIEVEYGKDETRGLSGLEYLMMSK
HLFSGKNSNIKLAVKKGETEILKEYALNEKLIYTVLDELRNFHSHIFHEPGPVSFKNLYGDEYKPEKKLTEEEWAIARDW
FVNRFNDAKEHKLKTLAKVLEREGTTEEKEDAEKVIKTISGYSFEYNNCISREALLFIACMFLRKSDAAYFTKKWTGMKK
AEGVFKSTQSFFTDNALKESKSILTLNADLYKYRQILGVLSTMPAMKTDSLKPFYDFIKINNDSYSEKAEKARSKEEKEK
IQAFIIPQRKSSNYTYWFMKYLNDNKLLDGFRIAYYKTPEDRFMYLIHNGLISQDDLENIEDFKTPDEKLKYLREKGFNL
KLKMKQAVGDEKKSLTEIYKETQRNFVFKVPTIENDNFCVKKLNVFFQTDIEFNGQKISVQLSVSPDFLMKWVFVLLITG
EDSIKNAITEKKEKIKDILKKYAEEYYNRCITSNFNEPLMGLEASKVFPSSLTSTVEIDEKIDKDKILMRISEKYNELTK
FDEENKSRKAPWRFASKRKIDIILDYVHLVYSDRAFDEKKSVDAMRHEALNDMEYMDTFEYLRYYGRYRETEEFKKIFFE
DKKLYFSPILKAMKQLDSLEGVFNFAITGFLNYLKGIQSKVTDENTNKYGKVFKVTGKSLTSKIGHHSEMFSVNHCVPQE
LIKLNDIKGYMKWKHETKDKLWISDFAFIRNVLESRGGFSNTDYLMKEVMPLITFEKNEKGSIKGNTQMFVALSRNKTNE
LMLWEIGKYYWKEATGSEFSRLFKGLEKNTGNKITKAYRFTNPYYTIYQEDLDIKIQRKDKKGKVIVNSPVYTIKIKPKK
FDDEYQYYEQEHIVDYIENYEPKKGIDGHWHFEELNKKIKDELARYLDDIYLLMTVEKHIVQKDFDKYASLLKEKDSKLP
PYYIGFKRNDIALNKVIFDALKHKGSFSADDLNIYRINVLHQILQPKREKYIIIRKSLIEYCAENKLLKTM
;
A
2 'polyribonucleotide' UGCUUCACGUAGGCCUUGGAGCCGUACAUGGUUGUAACAAGCCUAAGUUUGAAAGGUAAAAACAAC G
#
# COMPACT_ATOMS: atom_id res chain seq x y z
N SER A 9 -25.80 42.67 30.95
CA SER A 9 -25.68 41.26 30.63
C SER A 9 -27.04 40.65 30.29
N GLY A 10 -27.97 41.50 29.85
CA GLY A 10 -29.27 41.02 29.42
C GLY A 10 -29.21 40.20 28.15
N LYS A 11 -28.39 40.64 27.19
CA LYS A 11 -28.18 39.85 25.98
C LYS A 11 -27.44 38.56 26.30
N ILE A 12 -26.53 38.59 27.28
CA ILE A 12 -25.80 37.39 27.68
C ILE A 12 -26.75 36.38 28.30
N ILE A 13 -27.60 36.82 29.23
CA ILE A 13 -28.51 35.90 29.89
C ILE A 13 -29.59 35.42 28.91
N GLU A 14 -29.96 36.25 27.93
CA GLU A 14 -30.85 35.80 26.87
C GLU A 14 -30.20 34.71 26.02
N LYS A 15 -28.88 34.85 25.80
CA LYS A 15 -28.12 33.79 25.13
C LYS A 15 -28.13 32.51 25.96
N LEU A 16 -28.05 32.64 27.29
CA LEU A 16 -28.20 31.46 28.16
C LEU A 16 -29.58 30.80 28.02
N ASP A 17 -30.66 31.60 27.96
CA ASP A 17 -31.97 30.95 27.80
C ASP A 17 -32.12 30.29 26.44
N GLU A 18 -31.64 30.93 25.37
CA GLU A 18 -31.80 30.32 24.06
C GLU A 18 -30.90 29.09 23.90
N LEU A 19 -29.71 29.10 24.52
CA LEU A 19 -28.86 27.91 24.50
C LEU A 19 -29.44 26.80 25.37
N LYS A 20 -30.09 27.14 26.47
CA LYS A 20 -30.76 26.13 27.29
C LYS A 20 -31.92 25.49 26.54
N LYS A 21 -32.70 26.29 25.82
CA LYS A 21 -33.78 25.74 25.00
C LYS A 21 -33.24 24.86 23.88
N ALA A 22 -32.14 25.29 23.23
CA ALA A 22 -31.53 24.49 22.19
C ALA A 22 -30.98 23.17 22.73
N THR A 23 -30.34 23.20 23.90
CA THR A 23 -29.82 21.99 24.53
C THR A 23 -30.94 21.04 24.94
N GLN A 24 -32.03 21.59 25.49
CA GLN A 24 -33.17 20.76 25.88
C GLN A 24 -33.83 20.11 24.66
N GLU A 25 -33.99 20.87 23.57
CA GLU A 25 -34.56 20.31 22.35
C GLU A 25 -33.63 19.27 21.73
N SER A 26 -32.32 19.49 21.80
CA SER A 26 -31.35 18.53 21.28
C SER A 26 -31.39 17.23 22.06
N ILE A 27 -31.41 17.31 23.39
CA ILE A 27 -31.48 16.12 24.25
C ILE A 27 -32.79 15.38 24.02
N GLU A 28 -33.90 16.12 23.86
CA GLU A 28 -35.19 15.48 23.66
C GLU A 28 -35.31 14.82 22.29
N GLN A 29 -34.69 15.39 21.25
CA GLN A 29 -34.92 14.92 19.88
C GLN A 29 -33.78 14.09 19.31
N ARG A 30 -32.55 14.60 19.29
CA ARG A 30 -31.47 13.96 18.55
C ARG A 30 -30.59 13.07 19.40
N LYS A 31 -30.74 13.08 20.72
CA LYS A 31 -29.92 12.25 21.60
C LYS A 31 -30.59 10.90 21.89
N LYS A 32 -30.95 10.19 20.84
CA LYS A 32 -31.56 8.87 20.96
C LYS A 32 -30.48 7.81 20.80
N PHE A 33 -30.41 6.87 21.74
CA PHE A 33 -29.47 5.77 21.70
C PHE A 33 -30.19 4.44 21.51
N ASP A 34 -31.30 4.46 20.78
CA ASP A 34 -32.21 3.32 20.70
C ASP A 34 -31.58 2.21 19.88
N TYR A 35 -31.38 1.05 20.51
CA TYR A 35 -30.93 -0.13 19.78
C TYR A 35 -32.06 -0.71 18.94
N ARG A 36 -31.71 -1.61 18.03
CA ARG A 36 -32.68 -2.20 17.13
C ARG A 36 -32.16 -3.55 16.66
N ILE A 37 -33.07 -4.51 16.52
CA ILE A 37 -32.69 -5.87 16.16
C ILE A 37 -33.22 -6.18 14.76
N GLY A 38 -32.66 -7.21 14.15
CA GLY A 38 -33.05 -7.58 12.80
C GLY A 38 -34.37 -8.33 12.74
N LYS A 39 -34.83 -8.55 11.52
CA LYS A 39 -36.04 -9.30 11.24
C LYS A 39 -35.72 -10.77 11.05
N GLY A 40 -36.68 -11.54 10.53
CA GLY A 40 -36.44 -12.93 10.20
C GLY A 40 -36.65 -13.87 11.37
N LEU A 41 -35.56 -14.41 11.91
CA LEU A 41 -35.64 -15.25 13.11
C LEU A 41 -35.42 -14.46 14.39
N ALA A 42 -34.75 -13.31 14.32
CA ALA A 42 -34.49 -12.52 15.51
C ALA A 42 -35.74 -11.79 15.99
N ASP A 43 -36.67 -11.48 15.10
CA ASP A 43 -37.89 -10.76 15.47
C ASP A 43 -39.04 -11.70 15.79
N LYS A 44 -38.78 -13.01 15.88
CA LYS A 44 -39.82 -14.00 16.15
C LYS A 44 -40.05 -14.21 17.64
N LEU A 45 -39.42 -13.42 18.51
CA LEU A 45 -39.51 -13.64 19.95
C LEU A 45 -40.87 -13.27 20.51
N GLY A 46 -41.62 -12.40 19.84
CA GLY A 46 -42.98 -12.08 20.25
C GLY A 46 -43.08 -11.45 21.63
N ASN A 47 -43.55 -12.23 22.60
CA ASN A 47 -43.60 -11.79 23.99
C ASN A 47 -42.20 -11.49 24.53
N GLU A 48 -41.21 -12.33 24.23
CA GLU A 48 -39.87 -11.96 24.66
C GLU A 48 -39.21 -10.96 23.71
N LYS A 49 -39.90 -10.58 22.62
CA LYS A 49 -39.61 -9.30 21.97
C LYS A 49 -39.68 -8.15 22.96
N ASP A 50 -40.60 -8.21 23.92
CA ASP A 50 -40.62 -7.22 24.97
C ASP A 50 -39.43 -7.36 25.91
N SER A 51 -38.86 -8.56 26.04
CA SER A 51 -37.76 -8.80 26.98
C SER A 51 -36.66 -9.65 26.33
N TYR A 52 -35.73 -8.99 25.65
CA TYR A 52 -34.58 -9.69 25.08
C TYR A 52 -33.25 -9.19 25.61
N PHE A 53 -32.99 -7.87 25.55
CA PHE A 53 -31.63 -7.34 25.59
C PHE A 53 -30.97 -7.56 26.94
N GLU A 54 -31.67 -7.26 28.04
CA GLU A 54 -31.10 -7.49 29.36
C GLU A 54 -30.96 -8.99 29.62
N LYS A 55 -31.81 -9.81 28.99
CA LYS A 55 -31.65 -11.25 29.06
C LYS A 55 -30.38 -11.71 28.37
N TYR A 56 -29.91 -10.95 27.37
CA TYR A 56 -28.58 -11.18 26.85
C TYR A 56 -27.53 -10.64 27.80
N LEU A 57 -27.81 -9.48 28.42
CA LEU A 57 -26.80 -8.75 29.19
C LEU A 57 -26.35 -9.54 30.41
N ARG A 58 -27.31 -10.13 31.12
CA ARG A 58 -26.98 -11.00 32.25
C ARG A 58 -26.15 -12.20 31.80
N LYS A 59 -26.43 -12.72 30.60
CA LYS A 59 -25.64 -13.82 30.07
C LYS A 59 -24.19 -13.40 29.84
N THR A 60 -23.97 -12.16 29.45
CA THR A 60 -22.61 -11.68 29.31
C THR A 60 -22.12 -10.91 30.53
N VAL A 61 -22.66 -11.22 31.72
CA VAL A 61 -22.03 -10.80 32.96
C VAL A 61 -21.82 -11.95 33.93
N GLY A 62 -22.44 -13.10 33.70
CA GLY A 62 -22.12 -14.28 34.48
C GLY A 62 -23.30 -15.12 34.92
N GLU A 63 -24.51 -14.58 34.85
CA GLU A 63 -25.67 -15.29 35.38
C GLU A 63 -26.10 -16.43 34.45
N ASN A 64 -26.72 -17.44 35.03
CA ASN A 64 -27.08 -18.67 34.34
C ASN A 64 -28.53 -18.59 33.88
N ILE A 65 -28.71 -18.18 32.63
CA ILE A 65 -30.02 -18.18 31.98
C ILE A 65 -30.01 -19.28 30.92
N PRO A 66 -30.80 -20.34 31.08
CA PRO A 66 -30.84 -21.38 30.06
C PRO A 66 -31.59 -20.89 28.83
N PRO A 67 -31.22 -21.36 27.64
CA PRO A 67 -31.95 -20.98 26.42
C PRO A 67 -33.12 -21.91 26.13
N LYS A 68 -34.09 -21.94 27.04
CA LYS A 68 -35.21 -22.87 26.93
C LYS A 68 -36.35 -22.34 26.08
N ILE A 69 -36.00 -21.84 24.90
CA ILE A 69 -36.97 -21.43 23.89
C ILE A 69 -36.75 -22.32 22.68
N LEU A 70 -37.72 -23.20 22.41
CA LEU A 70 -37.62 -24.21 21.36
C LEU A 70 -38.93 -24.26 20.58
N VAL A 71 -39.40 -23.10 20.14
CA VAL A 71 -40.67 -22.98 19.43
C VAL A 71 -40.55 -23.65 18.07
N LYS A 72 -41.51 -24.53 17.75
CA LYS A 72 -41.54 -25.34 16.55
C LYS A 72 -42.84 -25.13 15.78
N PRO A 73 -42.86 -25.37 14.47
CA PRO A 73 -44.14 -25.40 13.75
C PRO A 73 -45.09 -26.49 14.21
N LYS A 74 -44.53 -27.62 14.70
CA LYS A 74 -45.28 -28.73 15.33
C LYS A 74 -46.31 -29.33 14.37
N GLY A 75 -45.81 -29.90 13.29
CA GLY A 75 -46.66 -30.61 12.36
C GLY A 75 -46.14 -30.48 10.94
N GLY A 76 -46.74 -31.27 10.05
CA GLY A 76 -46.44 -31.21 8.63
C GLY A 76 -47.38 -30.25 7.93
N TRP A 77 -46.83 -29.48 7.00
CA TRP A 77 -47.56 -28.42 6.33
C TRP A 77 -47.57 -28.64 4.82
N LYS A 78 -48.65 -28.20 4.19
CA LYS A 78 -48.81 -28.25 2.74
C LYS A 78 -48.93 -26.87 2.11
N THR A 79 -49.56 -25.92 2.78
CA THR A 79 -49.70 -24.57 2.26
C THR A 79 -48.42 -23.76 2.53
N GLU A 80 -48.36 -22.59 1.91
CA GLU A 80 -47.20 -21.71 2.00
C GLU A 80 -47.24 -20.79 3.22
N THR A 81 -48.30 -20.88 4.04
CA THR A 81 -48.43 -20.00 5.19
C THR A 81 -47.40 -20.29 6.27
N LYS A 82 -46.97 -21.54 6.39
CA LYS A 82 -45.91 -21.91 7.33
C LYS A 82 -44.60 -21.25 6.95
N GLY A 83 -44.03 -21.67 5.80
CA GLY A 83 -42.97 -20.95 5.11
C GLY A 83 -41.69 -20.69 5.88
N LYS A 84 -41.42 -21.46 6.94
CA LYS A 84 -40.26 -21.20 7.78
C LYS A 84 -39.11 -22.11 7.40
N GLY A 85 -37.93 -21.53 7.22
CA GLY A 85 -36.72 -22.28 6.96
C GLY A 85 -36.00 -22.62 8.24
N LYS A 86 -36.69 -23.26 9.17
CA LYS A 86 -36.15 -23.57 10.50
C LYS A 86 -35.49 -24.94 10.48
N ASP A 87 -34.37 -25.00 9.77
CA ASP A 87 -33.51 -26.18 9.76
C ASP A 87 -32.47 -26.15 10.87
N TRP A 88 -32.34 -25.03 11.58
CA TRP A 88 -31.44 -24.91 12.72
C TRP A 88 -32.31 -24.79 13.96
N GLY A 89 -32.37 -25.87 14.74
CA GLY A 89 -33.31 -25.95 15.85
C GLY A 89 -32.97 -25.06 17.03
N ASP A 90 -31.71 -24.67 17.18
CA ASP A 90 -31.32 -23.81 18.28
C ASP A 90 -31.83 -22.39 18.06
N LYS A 91 -32.27 -21.77 19.14
CA LYS A 91 -32.80 -20.40 19.10
C LYS A 91 -31.65 -19.42 19.36
N ILE A 92 -32.00 -18.18 19.70
CA ILE A 92 -31.04 -17.08 19.81
C ILE A 92 -30.01 -17.37 20.90
N THR A 93 -30.44 -18.01 21.99
CA THR A 93 -29.66 -18.35 23.18
C THR A 93 -29.10 -17.14 23.91
N PHE A 94 -29.54 -15.92 23.55
CA PHE A 94 -29.18 -14.66 24.19
C PHE A 94 -27.67 -14.42 24.22
N ALA A 95 -26.98 -14.91 23.18
CA ALA A 95 -25.55 -14.72 23.03
C ALA A 95 -25.20 -13.78 21.89
N ALA A 96 -26.01 -13.73 20.84
CA ALA A 96 -25.79 -12.79 19.76
C ALA A 96 -26.17 -11.38 20.18
N MET A 97 -25.44 -10.41 19.67
CA MET A 97 -25.80 -9.09 20.15
C MET A 97 -26.48 -8.28 19.04
N PRO A 98 -27.47 -7.44 19.36
CA PRO A 98 -28.21 -6.72 18.33
C PRO A 98 -27.49 -5.44 17.90
N GLN A 99 -28.05 -4.81 16.88
CA GLN A 99 -27.48 -3.56 16.35
C GLN A 99 -27.77 -2.40 17.29
N HIS A 100 -26.76 -1.57 17.50
CA HIS A 100 -26.90 -0.41 18.35
C HIS A 100 -27.12 0.84 17.50
N HIS A 101 -27.50 1.93 18.16
CA HIS A 101 -27.76 3.18 17.47
C HIS A 101 -26.45 3.80 16.98
N TYR A 102 -26.58 4.72 16.02
CA TYR A 102 -25.41 5.32 15.38
C TYR A 102 -24.64 6.24 16.32
N ASN A 103 -25.27 6.73 17.39
CA ASN A 103 -24.60 7.66 18.29
C ASN A 103 -23.50 6.98 19.10
N THR A 104 -23.69 5.72 19.48
CA THR A 104 -22.66 4.99 20.23
C THR A 104 -21.42 4.74 19.36
N LEU A 105 -21.65 4.24 18.14
CA LEU A 105 -20.56 4.02 17.19
C LEU A 105 -19.87 5.31 16.83
N LEU A 106 -20.63 6.41 16.72
CA LEU A 106 -20.04 7.69 16.41
C LEU A 106 -19.21 8.22 17.56
N ALA A 107 -19.65 8.00 18.81
CA ALA A 107 -18.88 8.44 19.98
C ALA A 107 -17.54 7.70 20.05
N MET A 108 -17.58 6.36 19.91
CA MET A 108 -16.35 5.58 19.91
C MET A 108 -15.46 5.95 18.73
N ALA A 109 -16.05 6.16 17.55
CA ALA A 109 -15.28 6.46 16.35
C ALA A 109 -14.61 7.81 16.45
N PHE A 110 -15.30 8.82 16.98
CA PHE A 110 -14.68 10.14 17.10
C PHE A 110 -13.61 10.16 18.18
N THR A 111 -13.80 9.42 19.29
CA THR A 111 -12.75 9.36 20.30
C THR A 111 -11.49 8.67 19.75
N LYS A 112 -11.67 7.54 19.05
CA LYS A 112 -10.54 6.84 18.47
C LYS A 112 -9.89 7.67 17.36
N ALA A 113 -10.69 8.40 16.59
CA ALA A 113 -10.17 9.24 15.51
C ALA A 113 -9.34 10.38 16.06
N HIS A 114 -9.82 11.04 17.12
CA HIS A 114 -9.03 12.11 17.73
C HIS A 114 -7.75 11.58 18.34
N LYS A 115 -7.81 10.38 18.93
CA LYS A 115 -6.60 9.77 19.50
C LYS A 115 -5.56 9.48 18.42
N VAL A 116 -5.96 8.79 17.33
CA VAL A 116 -5.00 8.41 16.31
C VAL A 116 -4.51 9.63 15.53
N TYR A 117 -5.36 10.64 15.31
CA TYR A 117 -4.94 11.81 14.57
C TYR A 117 -4.04 12.70 15.41
N SER A 118 -4.28 12.80 16.72
CA SER A 118 -3.35 13.54 17.58
C SER A 118 -2.01 12.83 17.68
N ASP A 119 -2.01 11.49 17.69
CA ASP A 119 -0.76 10.74 17.67
C ASP A 119 0.02 10.98 16.39
N ILE A 120 -0.67 10.96 15.24
CA ILE A 120 0.01 11.16 13.96
C ILE A 120 0.51 12.61 13.84
N ARG A 121 -0.28 13.58 14.30
CA ARG A 121 0.15 14.98 14.27
C ARG A 121 1.37 15.20 15.17
N GLY A 122 1.39 14.59 16.36
CA GLY A 122 2.55 14.70 17.21
C GLY A 122 3.79 14.06 16.62
N LYS A 123 3.62 12.89 15.98
CA LYS A 123 4.74 12.20 15.32
C LYS A 123 5.29 13.03 14.17
N VAL A 124 4.41 13.64 13.38
CA VAL A 124 4.83 14.50 12.28
C VAL A 124 5.55 15.74 12.82
N GLU A 125 5.08 16.26 13.95
CA GLU A 125 5.73 17.43 14.57
C GLU A 125 7.14 17.11 15.02
N ILE A 126 7.34 15.98 15.70
CA ILE A 126 8.71 15.68 16.17
C ILE A 126 9.60 15.30 15.00
N ASP A 127 9.04 14.64 13.97
CA ASP A 127 9.81 14.29 12.78
C ASP A 127 10.30 15.53 12.04
N ALA A 128 9.43 16.53 11.88
CA ALA A 128 9.84 17.75 11.21
C ALA A 128 10.74 18.61 12.08
N ALA A 129 10.61 18.50 13.41
CA ALA A 129 11.50 19.25 14.29
C ALA A 129 12.92 18.67 14.27
N GLN A 130 13.04 17.34 14.28
CA GLN A 130 14.35 16.72 14.23
C GLN A 130 14.93 16.64 12.82
N TYR A 131 14.10 16.81 11.79
CA TYR A 131 14.56 16.61 10.42
C TYR A 131 15.39 17.80 9.94
N GLU A 132 15.14 19.00 10.47
CA GLU A 132 15.90 20.17 10.09
C GLU A 132 17.16 20.29 10.93
N ARG A 148 -1.15 26.58 14.98
CA ARG A 148 -0.65 25.21 15.05
C ARG A 148 -1.26 24.35 13.95
N GLY A 149 -1.20 24.83 12.72
CA GLY A 149 -1.81 24.17 11.58
C GLY A 149 -0.87 23.35 10.71
N LEU A 150 0.35 23.07 11.18
CA LEU A 150 1.37 22.30 10.45
C LEU A 150 1.68 22.92 9.08
N SER A 151 2.24 24.12 9.14
CA SER A 151 2.54 24.90 7.93
C SER A 151 3.93 24.56 7.39
N GLY A 152 4.01 24.36 6.07
CA GLY A 152 5.27 24.10 5.42
C GLY A 152 5.44 22.65 5.00
N LEU A 153 6.62 22.09 5.28
CA LEU A 153 6.87 20.66 5.04
C LEU A 153 6.15 19.77 6.03
N GLU A 154 5.68 20.36 7.15
CA GLU A 154 4.82 19.63 8.07
C GLU A 154 3.55 19.18 7.37
N TYR A 155 2.97 20.04 6.53
CA TYR A 155 1.85 19.58 5.73
C TYR A 155 2.28 18.65 4.60
N LEU A 156 3.55 18.67 4.17
CA LEU A 156 3.99 17.68 3.19
C LEU A 156 3.93 16.28 3.77
N MET A 157 4.45 16.11 5.00
CA MET A 157 4.31 14.81 5.68
C MET A 157 2.85 14.51 6.03
N MET A 158 2.11 15.52 6.49
CA MET A 158 0.71 15.34 6.84
C MET A 158 -0.16 15.02 5.63
N SER A 159 0.23 15.46 4.44
CA SER A 159 -0.48 15.18 3.21
C SER A 159 -0.08 13.84 2.61
N LYS A 160 1.13 13.38 2.92
CA LYS A 160 1.44 11.97 2.71
C LYS A 160 0.53 11.11 3.58
N HIS A 161 0.25 11.55 4.80
CA HIS A 161 -0.53 10.72 5.73
C HIS A 161 -2.04 10.84 5.57
N LEU A 162 -2.53 11.99 5.06
CA LEU A 162 -3.93 12.39 5.29
C LEU A 162 -4.92 11.50 4.56
N PHE A 163 -4.70 11.25 3.28
CA PHE A 163 -5.57 10.37 2.51
C PHE A 163 -4.75 9.18 2.05
N SER A 164 -5.33 8.35 1.19
CA SER A 164 -4.63 7.18 0.66
C SER A 164 -3.68 7.59 -0.45
N GLY A 165 -2.66 8.37 -0.07
CA GLY A 165 -1.69 8.85 -1.01
C GLY A 165 -2.16 9.91 -1.97
N LYS A 166 -3.31 10.54 -1.70
CA LYS A 166 -3.89 11.52 -2.62
C LYS A 166 -3.27 12.89 -2.38
N ASN A 167 -2.03 13.04 -2.83
CA ASN A 167 -1.33 14.31 -2.83
C ASN A 167 -0.61 14.53 -4.15
N SER A 168 -1.26 14.13 -5.25
CA SER A 168 -0.66 14.27 -6.58
C SER A 168 -0.55 15.74 -6.98
N ASN A 169 -1.56 16.55 -6.64
CA ASN A 169 -1.49 17.98 -6.91
C ASN A 169 -0.41 18.65 -6.09
N ILE A 170 -0.25 18.25 -4.82
CA ILE A 170 0.80 18.80 -3.97
C ILE A 170 2.17 18.36 -4.47
N LYS A 171 2.30 17.11 -4.93
CA LYS A 171 3.56 16.63 -5.50
C LYS A 171 3.90 17.38 -6.78
N LEU A 172 2.90 17.65 -7.62
CA LEU A 172 3.15 18.44 -8.83
C LEU A 172 3.52 19.87 -8.49
N ALA A 173 2.92 20.44 -7.45
CA ALA A 173 3.24 21.80 -7.04
C ALA A 173 4.65 21.91 -6.49
N VAL A 174 5.11 20.91 -5.74
CA VAL A 174 6.48 21.00 -5.23
C VAL A 174 7.49 20.63 -6.33
N LYS A 175 7.08 19.82 -7.31
CA LYS A 175 7.93 19.58 -8.47
C LYS A 175 8.09 20.83 -9.34
N LYS A 176 7.03 21.64 -9.46
CA LYS A 176 7.13 22.89 -10.20
C LYS A 176 7.90 23.94 -9.42
N GLY A 177 7.63 24.05 -8.11
CA GLY A 177 8.22 25.08 -7.29
C GLY A 177 7.32 26.23 -6.95
N GLU A 178 6.00 26.03 -6.93
CA GLU A 178 5.08 27.13 -6.67
C GLU A 178 5.07 27.52 -5.19
N THR A 179 5.10 26.50 -4.31
CA THR A 179 4.88 26.56 -2.84
C THR A 179 3.82 27.59 -2.44
N GLU A 180 2.65 27.50 -3.10
CA GLU A 180 1.54 28.41 -2.87
C GLU A 180 0.32 27.74 -2.27
N ILE A 181 0.05 26.48 -2.62
CA ILE A 181 -1.13 25.78 -2.10
C ILE A 181 -0.93 25.27 -0.68
N LEU A 182 0.31 25.25 -0.19
CA LEU A 182 0.62 24.60 1.08
C LEU A 182 0.05 25.35 2.27
N LYS A 183 0.13 26.69 2.26
CA LYS A 183 -0.38 27.47 3.38
C LYS A 183 -1.91 27.41 3.46
N GLU A 184 -2.58 27.51 2.31
CA GLU A 184 -4.04 27.40 2.27
C GLU A 184 -4.51 26.03 2.72
N TYR A 185 -3.81 24.98 2.27
CA TYR A 185 -4.11 23.64 2.76
C TYR A 185 -3.81 23.48 4.24
N ALA A 186 -2.84 24.22 4.77
CA ALA A 186 -2.54 24.16 6.19
C ALA A 186 -3.66 24.78 7.02
N LEU A 187 -4.22 25.89 6.56
CA LEU A 187 -5.34 26.48 7.27
C LEU A 187 -6.46 25.49 7.24
N ASN A 188 -6.75 24.97 6.05
CA ASN A 188 -7.84 24.02 5.91
C ASN A 188 -7.69 22.84 6.85
N GLU A 189 -6.47 22.32 7.00
CA GLU A 189 -6.22 21.21 7.92
C GLU A 189 -6.44 21.60 9.37
N LYS A 190 -6.01 22.80 9.75
CA LYS A 190 -6.22 23.27 11.13
C LYS A 190 -7.71 23.43 11.44
N LEU A 191 -8.46 24.02 10.50
CA LEU A 191 -9.89 24.18 10.67
C LEU A 191 -10.61 22.83 10.75
N ILE A 192 -10.21 21.88 9.92
CA ILE A 192 -10.86 20.57 9.95
C ILE A 192 -10.47 19.80 11.21
N TYR A 193 -9.28 20.07 11.78
CA TYR A 193 -8.90 19.43 13.03
C TYR A 193 -9.73 19.98 14.20
N THR A 194 -9.96 21.30 14.22
CA THR A 194 -10.80 21.88 15.26
C THR A 194 -12.25 21.40 15.14
N VAL A 195 -12.73 21.23 13.90
CA VAL A 195 -14.07 20.70 13.67
C VAL A 195 -14.18 19.26 14.18
N LEU A 196 -13.13 18.45 13.93
CA LEU A 196 -13.13 17.07 14.43
C LEU A 196 -13.10 17.02 15.95
N ASP A 197 -12.33 17.90 16.58
CA ASP A 197 -12.27 17.96 18.04
C ASP A 197 -13.63 18.34 18.64
N GLU A 198 -14.29 19.33 18.04
CA GLU A 198 -15.61 19.74 18.54
C GLU A 198 -16.66 18.66 18.30
N LEU A 199 -16.55 17.92 17.19
CA LEU A 199 -17.46 16.81 16.93
C LEU A 199 -17.28 15.71 17.96
N ARG A 200 -16.03 15.41 18.33
CA ARG A 200 -15.76 14.43 19.38
C ARG A 200 -16.33 14.88 20.73
N ASN A 201 -16.13 16.16 21.06
CA ASN A 201 -16.62 16.67 22.33
C ASN A 201 -18.14 16.70 22.39
N PHE A 202 -18.81 16.89 21.26
CA PHE A 202 -20.27 16.74 21.26
C PHE A 202 -20.67 15.29 21.42
N HIS A 203 -20.04 14.39 20.65
CA HIS A 203 -20.54 13.02 20.58
C HIS A 203 -20.20 12.20 21.82
N SER A 204 -19.21 12.60 22.60
CA SER A 204 -18.87 11.85 23.81
C SER A 204 -19.74 12.23 25.01
N HIS A 205 -20.66 13.17 24.85
CA HIS A 205 -21.39 13.75 25.97
C HIS A 205 -22.89 13.77 25.68
N ILE A 206 -23.67 13.80 26.76
CA ILE A 206 -25.13 13.82 26.66
C ILE A 206 -25.62 15.26 26.72
N PHE A 207 -25.32 15.95 27.81
CA PHE A 207 -25.70 17.35 27.98
C PHE A 207 -24.79 18.19 27.09
N HIS A 208 -25.28 18.56 25.90
CA HIS A 208 -24.46 19.28 24.95
C HIS A 208 -25.34 20.09 24.01
N GLU A 209 -24.80 21.23 23.57
CA GLU A 209 -25.44 22.02 22.54
C GLU A 209 -25.47 21.26 21.22
N PRO A 210 -26.48 21.51 20.36
CA PRO A 210 -26.51 20.91 19.02
C PRO A 210 -25.69 21.68 17.98
N GLY A 211 -24.44 21.98 18.33
CA GLY A 211 -23.58 22.78 17.49
C GLY A 211 -22.94 22.07 16.33
N PRO A 212 -22.07 21.08 16.59
CA PRO A 212 -21.36 20.41 15.49
C PRO A 212 -22.23 19.62 14.53
N VAL A 213 -23.45 19.24 14.90
CA VAL A 213 -24.30 18.50 13.97
C VAL A 213 -24.95 19.44 12.96
N SER A 214 -25.59 20.49 13.44
CA SER A 214 -26.15 21.54 12.58
C SER A 214 -25.24 22.75 12.74
N PHE A 215 -24.36 22.95 11.76
CA PHE A 215 -23.25 23.91 11.83
C PHE A 215 -23.72 25.33 12.01
N LYS A 216 -23.54 25.89 13.20
CA LYS A 216 -24.04 27.21 13.53
C LYS A 216 -23.13 27.86 14.56
N ASN A 217 -23.60 28.95 15.14
CA ASN A 217 -22.88 29.74 16.15
C ASN A 217 -23.78 30.05 17.32
N LEU A 218 -24.37 29.00 17.90
CA LEU A 218 -25.22 29.15 19.09
C LEU A 218 -24.44 29.65 20.31
N TYR A 219 -23.11 29.63 20.26
CA TYR A 219 -22.27 30.13 21.35
C TYR A 219 -22.48 31.61 21.61
N GLY A 220 -22.59 32.41 20.55
CA GLY A 220 -22.94 33.81 20.74
C GLY A 220 -22.19 34.82 19.89
N ASP A 221 -21.08 34.38 19.27
CA ASP A 221 -20.29 35.09 18.28
C ASP A 221 -19.50 36.29 18.82
N GLU A 222 -19.73 36.67 20.07
CA GLU A 222 -18.96 37.73 20.70
C GLU A 222 -18.29 37.27 21.99
N TYR A 223 -19.00 36.52 22.82
CA TYR A 223 -18.45 35.94 24.05
C TYR A 223 -17.97 34.53 23.71
N LYS A 224 -16.67 34.38 23.50
CA LYS A 224 -16.11 33.13 22.97
C LYS A 224 -14.66 32.99 23.41
N PRO A 225 -14.40 32.25 24.50
CA PRO A 225 -13.02 32.02 24.92
C PRO A 225 -12.35 30.88 24.16
N GLU A 226 -11.79 31.23 22.99
CA GLU A 226 -11.08 30.32 22.05
C GLU A 226 -11.84 29.03 21.75
N LYS A 227 -13.18 29.13 21.71
CA LYS A 227 -14.05 28.06 21.22
C LYS A 227 -14.45 28.34 19.78
N LYS A 228 -13.50 28.81 18.99
CA LYS A 228 -13.76 29.32 17.64
C LYS A 228 -14.07 28.15 16.70
N LEU A 229 -15.31 27.67 16.79
CA LEU A 229 -15.77 26.60 15.90
C LEU A 229 -16.06 27.15 14.51
N THR A 230 -17.00 28.08 14.42
CA THR A 230 -17.47 28.61 13.15
C THR A 230 -17.35 30.13 13.04
N GLU A 231 -17.44 30.84 14.17
CA GLU A 231 -17.40 32.33 14.30
C GLU A 231 -18.31 33.05 13.29
N GLU A 232 -19.41 32.39 12.91
CA GLU A 232 -20.39 32.83 11.90
C GLU A 232 -19.77 33.09 10.53
N GLU A 233 -18.57 32.57 10.28
CA GLU A 233 -17.90 32.75 9.00
C GLU A 233 -17.23 31.49 8.48
N TRP A 234 -17.04 30.46 9.30
CA TRP A 234 -16.39 29.24 8.86
C TRP A 234 -17.40 28.23 8.34
N ALA A 235 -18.16 28.68 7.35
CA ALA A 235 -18.88 27.80 6.44
C ALA A 235 -17.99 27.32 5.31
N ILE A 236 -16.73 27.75 5.29
CA ILE A 236 -15.74 27.19 4.36
C ILE A 236 -15.44 25.74 4.75
N ALA A 237 -15.56 25.41 6.03
CA ALA A 237 -15.50 24.00 6.44
C ALA A 237 -16.64 23.21 5.83
N ARG A 238 -17.84 23.79 5.81
CA ARG A 238 -18.97 23.17 5.12
C ARG A 238 -18.71 23.05 3.63
N ASP A 239 -18.11 24.08 3.03
CA ASP A 239 -17.81 24.05 1.60
C ASP A 239 -16.82 22.94 1.26
N TRP A 240 -15.79 22.78 2.10
CA TRP A 240 -14.83 21.70 1.93
C TRP A 240 -15.49 20.34 2.10
N PHE A 241 -16.42 20.24 3.05
CA PHE A 241 -17.10 18.97 3.29
C PHE A 241 -18.00 18.57 2.12
N VAL A 242 -18.78 19.53 1.59
CA VAL A 242 -19.60 19.21 0.42
C VAL A 242 -18.74 18.97 -0.82
N ASN A 243 -17.59 19.65 -0.92
CA ASN A 243 -16.68 19.40 -2.03
C ASN A 243 -16.16 17.97 -2.01
N ARG A 244 -15.68 17.50 -0.86
CA ARG A 244 -15.16 16.14 -0.77
C ARG A 244 -16.28 15.11 -0.91
N PHE A 245 -17.44 15.36 -0.29
CA PHE A 245 -18.57 14.45 -0.36
C PHE A 245 -19.10 14.32 -1.79
N ASN A 246 -19.22 15.44 -2.50
CA ASN A 246 -19.71 15.39 -3.87
C ASN A 246 -18.67 14.84 -4.83
N ASP A 247 -17.40 15.09 -4.58
CA ASP A 247 -16.39 14.51 -5.42
C ASP A 247 -16.50 13.00 -5.31
N ALA A 248 -16.50 12.48 -4.09
CA ALA A 248 -16.62 11.04 -3.89
C ALA A 248 -17.92 10.51 -4.49
N LYS A 249 -19.00 11.29 -4.40
CA LYS A 249 -20.30 10.83 -4.89
C LYS A 249 -20.32 10.69 -6.40
N GLU A 250 -19.88 11.73 -7.13
CA GLU A 250 -19.84 11.60 -8.59
C GLU A 250 -18.75 10.64 -9.07
N HIS A 251 -17.65 10.49 -8.32
CA HIS A 251 -16.67 9.48 -8.68
C HIS A 251 -17.25 8.07 -8.57
N LYS A 252 -18.01 7.81 -7.50
CA LYS A 252 -18.65 6.51 -7.37
C LYS A 252 -19.77 6.32 -8.39
N LEU A 253 -20.45 7.41 -8.76
CA LEU A 253 -21.48 7.32 -9.81
C LEU A 253 -20.86 6.97 -11.15
N LYS A 254 -19.73 7.58 -11.49
CA LYS A 254 -19.03 7.25 -12.74
C LYS A 254 -18.52 5.82 -12.73
N THR A 255 -17.94 5.38 -11.60
CA THR A 255 -17.45 4.01 -11.50
C THR A 255 -18.58 3.00 -11.62
N LEU A 256 -19.70 3.24 -10.95
CA LEU A 256 -20.83 2.34 -11.02
C LEU A 256 -21.49 2.35 -12.40
N ALA A 257 -21.44 3.49 -13.09
CA ALA A 257 -21.89 3.53 -14.47
C ALA A 257 -21.00 2.68 -15.37
N LYS A 258 -19.69 2.70 -15.11
CA LYS A 258 -18.77 1.86 -15.89
C LYS A 258 -18.98 0.37 -15.60
N VAL A 259 -19.28 0.01 -14.37
CA VAL A 259 -19.61 -1.39 -14.05
C VAL A 259 -20.95 -1.79 -14.64
N LEU A 260 -21.92 -0.88 -14.62
CA LEU A 260 -23.26 -1.23 -15.06
C LEU A 260 -23.36 -1.86 -16.43
N GLU A 261 -22.78 -1.23 -17.45
CA GLU A 261 -22.92 -1.74 -18.81
C GLU A 261 -21.97 -2.90 -19.13
N ARG A 262 -21.33 -3.49 -18.13
CA ARG A 262 -20.51 -4.66 -18.37
C ARG A 262 -21.40 -5.89 -18.59
N GLU A 263 -20.79 -6.96 -19.09
CA GLU A 263 -21.52 -8.19 -19.30
C GLU A 263 -21.86 -8.86 -17.97
N GLY A 264 -22.94 -9.63 -17.98
CA GLY A 264 -23.38 -10.28 -16.76
C GLY A 264 -24.53 -11.24 -17.04
N THR A 265 -24.85 -12.02 -16.01
CA THR A 265 -25.90 -13.03 -16.08
C THR A 265 -27.21 -12.57 -15.45
N THR A 266 -27.49 -11.25 -15.54
CA THR A 266 -28.69 -10.61 -14.96
C THR A 266 -28.82 -10.84 -13.46
N GLU A 267 -27.70 -10.98 -12.76
CA GLU A 267 -27.68 -11.08 -11.31
C GLU A 267 -26.86 -9.98 -10.67
N GLU A 268 -25.71 -9.64 -11.24
CA GLU A 268 -24.96 -8.47 -10.79
C GLU A 268 -25.53 -7.17 -11.34
N LYS A 269 -26.43 -7.25 -12.34
CA LYS A 269 -27.11 -6.05 -12.80
C LYS A 269 -28.06 -5.51 -11.74
N GLU A 270 -28.83 -6.40 -11.09
CA GLU A 270 -29.71 -5.97 -10.01
C GLU A 270 -28.92 -5.52 -8.79
N ASP A 271 -27.77 -6.15 -8.54
CA ASP A 271 -26.90 -5.70 -7.45
C ASP A 271 -26.33 -4.31 -7.74
N ALA A 272 -25.96 -4.06 -8.99
CA ALA A 272 -25.48 -2.73 -9.38
C ALA A 272 -26.61 -1.70 -9.29
N GLU A 273 -27.84 -2.11 -9.61
CA GLU A 273 -28.99 -1.23 -9.45
C GLU A 273 -29.23 -0.90 -7.98
N LYS A 274 -29.08 -1.89 -7.09
CA LYS A 274 -29.21 -1.64 -5.66
C LYS A 274 -28.13 -0.70 -5.15
N VAL A 275 -26.89 -0.89 -5.61
CA VAL A 275 -25.79 -0.04 -5.19
C VAL A 275 -25.99 1.39 -5.69
N ILE A 276 -26.41 1.54 -6.95
CA ILE A 276 -26.70 2.88 -7.48
C ILE A 276 -27.95 3.49 -6.89
N LYS A 277 -28.85 2.69 -6.30
CA LYS A 277 -29.93 3.27 -5.53
C LYS A 277 -29.44 3.78 -4.18
N THR A 278 -28.50 3.05 -3.57
CA THR A 278 -27.99 3.47 -2.27
C THR A 278 -27.11 4.72 -2.36
N ILE A 279 -26.23 4.78 -3.37
CA ILE A 279 -25.33 5.91 -3.48
C ILE A 279 -26.08 7.17 -3.90
N SER A 280 -27.04 7.04 -4.81
CA SER A 280 -27.89 8.17 -5.19
C SER A 280 -28.80 8.50 -4.02
N GLY A 281 -28.50 9.61 -3.36
CA GLY A 281 -29.10 9.95 -2.09
C GLY A 281 -28.03 10.56 -1.21
N TYR A 282 -27.86 9.99 0.00
CA TYR A 282 -26.80 10.34 0.94
C TYR A 282 -26.80 11.83 1.29
N SER A 283 -25.96 12.59 0.59
CA SER A 283 -25.80 14.05 0.64
C SER A 283 -25.24 14.54 1.98
N PHE A 284 -24.57 15.69 1.95
CA PHE A 284 -24.01 16.24 3.17
C PHE A 284 -25.08 16.84 4.07
N GLU A 285 -26.16 17.33 3.49
CA GLU A 285 -27.21 18.02 4.23
C GLU A 285 -28.51 17.25 4.13
N TYR A 286 -29.11 16.95 5.27
CA TYR A 286 -30.48 16.46 5.35
C TYR A 286 -31.23 17.38 6.31
N ASN A 287 -32.40 17.85 5.87
CA ASN A 287 -33.20 18.87 6.55
C ASN A 287 -32.36 20.11 6.84
N ASN A 288 -31.86 20.21 8.06
CA ASN A 288 -30.94 21.28 8.44
C ASN A 288 -29.76 20.74 9.24
N CYS A 289 -29.44 19.45 9.12
CA CYS A 289 -28.38 18.83 9.87
C CYS A 289 -27.50 17.99 8.94
N ILE A 290 -26.34 17.60 9.46
CA ILE A 290 -25.35 16.84 8.70
C ILE A 290 -25.85 15.42 8.41
N SER A 291 -26.64 14.85 9.34
CA SER A 291 -27.25 13.51 9.29
C SER A 291 -26.21 12.40 9.32
N ARG A 292 -26.68 11.15 9.15
CA ARG A 292 -25.91 9.99 9.56
C ARG A 292 -24.76 9.66 8.60
N GLU A 293 -24.96 9.85 7.30
CA GLU A 293 -23.97 9.38 6.33
C GLU A 293 -22.73 10.26 6.33
N ALA A 294 -22.90 11.57 6.45
CA ALA A 294 -21.75 12.47 6.41
C ALA A 294 -20.93 12.40 7.69
N LEU A 295 -21.57 12.12 8.82
CA LEU A 295 -20.82 11.91 10.06
C LEU A 295 -19.92 10.69 9.96
N LEU A 296 -20.43 9.60 9.40
CA LEU A 296 -19.61 8.42 9.13
C LEU A 296 -18.52 8.73 8.12
N PHE A 297 -18.81 9.60 7.14
CA PHE A 297 -17.81 9.99 6.15
C PHE A 297 -16.65 10.74 6.82
N ILE A 298 -16.94 11.68 7.70
CA ILE A 298 -15.89 12.42 8.41
C ILE A 298 -15.10 11.49 9.32
N ALA A 299 -15.81 10.61 10.04
CA ALA A 299 -15.15 9.70 10.98
C ALA A 299 -14.22 8.74 10.26
N CYS A 300 -14.71 8.06 9.22
CA CYS A 300 -13.89 7.14 8.45
C CYS A 300 -12.81 7.85 7.65
N MET A 301 -12.99 9.14 7.35
CA MET A 301 -11.90 9.93 6.79
C MET A 301 -10.79 10.11 7.82
N PHE A 302 -11.15 10.31 9.09
CA PHE A 302 -10.14 10.62 10.09
C PHE A 302 -9.64 9.40 10.86
N LEU A 303 -10.07 8.20 10.50
CA LEU A 303 -9.70 6.98 11.22
C LEU A 303 -8.56 6.24 10.53
N ARG A 304 -8.11 5.17 11.19
CA ARG A 304 -7.25 4.17 10.58
C ARG A 304 -8.04 3.38 9.54
N LYS A 305 -7.32 2.65 8.68
CA LYS A 305 -7.97 1.90 7.62
C LYS A 305 -8.80 0.74 8.19
N SER A 306 -8.23 -0.01 9.12
CA SER A 306 -8.95 -1.13 9.72
C SER A 306 -10.07 -0.64 10.64
N ASP A 307 -9.85 0.46 11.36
CA ASP A 307 -10.90 1.02 12.20
C ASP A 307 -12.06 1.54 11.37
N ALA A 308 -11.77 2.21 10.25
CA ALA A 308 -12.82 2.67 9.35
C ALA A 308 -13.57 1.50 8.73
N ALA A 309 -12.84 0.43 8.37
CA ALA A 309 -13.50 -0.76 7.84
C ALA A 309 -14.40 -1.42 8.88
N TYR A 310 -13.94 -1.48 10.14
CA TYR A 310 -14.73 -2.09 11.21
C TYR A 310 -15.98 -1.28 11.51
N PHE A 311 -15.85 0.04 11.60
CA PHE A 311 -17.02 0.89 11.85
C PHE A 311 -17.96 0.92 10.65
N THR A 312 -17.43 0.76 9.44
CA THR A 312 -18.28 0.69 8.26
C THR A 312 -19.08 -0.61 8.24
N LYS A 313 -18.44 -1.74 8.56
CA LYS A 313 -19.17 -3.00 8.55
C LYS A 313 -20.03 -3.18 9.79
N LYS A 314 -19.84 -2.34 10.82
CA LYS A 314 -20.81 -2.29 11.91
C LYS A 314 -21.99 -1.40 11.56
N TRP A 315 -21.73 -0.28 10.89
CA TRP A 315 -22.80 0.62 10.46
C TRP A 315 -23.66 -0.02 9.38
N THR A 316 -23.02 -0.57 8.35
CA THR A 316 -23.73 -1.27 7.31
C THR A 316 -24.06 -2.69 7.77
N GLY A 317 -25.19 -3.20 7.32
CA GLY A 317 -25.59 -4.54 7.71
C GLY A 317 -24.90 -5.67 7.00
N MET A 318 -24.04 -5.37 6.04
CA MET A 318 -23.40 -6.40 5.22
C MET A 318 -22.11 -6.85 5.90
N LYS A 319 -22.00 -8.17 6.14
CA LYS A 319 -20.86 -8.71 6.85
C LYS A 319 -19.65 -8.90 5.92
N LYS A 320 -19.80 -9.73 4.91
CA LYS A 320 -18.73 -10.01 3.95
C LYS A 320 -19.14 -9.44 2.60
N ALA A 321 -18.54 -8.32 2.23
CA ALA A 321 -18.89 -7.63 0.99
C ALA A 321 -18.26 -8.34 -0.20
N GLU A 322 -19.10 -8.68 -1.19
CA GLU A 322 -18.64 -9.36 -2.39
C GLU A 322 -19.20 -8.66 -3.62
N GLY A 323 -18.46 -8.77 -4.72
CA GLY A 323 -18.91 -8.21 -5.99
C GLY A 323 -18.94 -6.70 -5.98
N VAL A 324 -20.13 -6.16 -6.27
CA VAL A 324 -20.29 -4.70 -6.38
C VAL A 324 -20.24 -4.05 -5.00
N PHE A 325 -20.73 -4.76 -3.98
CA PHE A 325 -21.06 -4.15 -2.68
C PHE A 325 -19.85 -3.64 -1.93
N LYS A 326 -18.63 -4.04 -2.34
CA LYS A 326 -17.41 -3.48 -1.77
C LYS A 326 -17.36 -1.97 -1.93
N SER A 327 -17.94 -1.46 -3.03
CA SER A 327 -18.01 -0.02 -3.24
C SER A 327 -18.82 0.67 -2.15
N THR A 328 -19.88 0.01 -1.66
CA THR A 328 -20.66 0.59 -0.57
C THR A 328 -19.83 0.65 0.71
N GLN A 329 -18.88 -0.27 0.88
CA GLN A 329 -17.88 -0.07 1.93
C GLN A 329 -16.87 0.98 1.52
N SER A 330 -16.42 0.93 0.26
CA SER A 330 -15.29 1.73 -0.20
C SER A 330 -15.60 3.22 -0.20
N PHE A 331 -16.88 3.58 -0.33
CA PHE A 331 -17.34 4.97 -0.23
C PHE A 331 -16.87 5.61 1.07
N PHE A 332 -16.80 4.84 2.15
CA PHE A 332 -16.28 5.38 3.39
C PHE A 332 -14.80 5.08 3.58
N THR A 333 -14.25 4.07 2.91
CA THR A 333 -12.86 3.71 3.11
C THR A 333 -11.97 4.16 1.95
N ASP A 334 -12.46 5.07 1.10
CA ASP A 334 -11.64 5.58 0.03
C ASP A 334 -10.55 6.50 0.54
N ASN A 335 -10.89 7.39 1.49
CA ASN A 335 -9.90 8.36 1.97
C ASN A 335 -9.00 7.75 3.04
N ALA A 336 -9.57 7.40 4.18
CA ALA A 336 -8.94 6.73 5.33
C ALA A 336 -7.69 7.51 5.78
N LEU A 337 -6.67 6.79 6.22
CA LEU A 337 -5.37 7.35 6.52
C LEU A 337 -4.30 6.45 5.91
N LYS A 338 -3.10 6.98 5.74
CA LYS A 338 -2.07 6.26 5.01
C LYS A 338 -1.45 5.14 5.83
N GLU A 339 -0.95 5.47 7.04
CA GLU A 339 -0.28 4.53 7.95
C GLU A 339 0.93 3.87 7.29
N SER A 340 1.99 4.69 7.18
CA SER A 340 3.29 4.26 6.68
C SER A 340 3.89 3.12 7.53
N LYS A 341 5.00 2.59 7.04
CA LYS A 341 5.59 1.35 7.55
C LYS A 341 6.11 1.51 8.98
N SER A 342 6.28 0.37 9.65
CA SER A 342 6.67 0.32 11.04
C SER A 342 8.08 -0.24 11.18
N ILE A 343 8.83 0.32 12.11
CA ILE A 343 10.22 -0.10 12.36
C ILE A 343 10.17 -1.24 13.37
N LEU A 344 10.56 -2.43 12.94
CA LEU A 344 10.57 -3.61 13.79
C LEU A 344 11.88 -3.68 14.56
N THR A 345 11.81 -4.16 15.80
CA THR A 345 12.99 -4.22 16.65
C THR A 345 13.25 -5.60 17.25
N LEU A 346 12.23 -6.42 17.47
CA LEU A 346 12.44 -7.76 18.04
C LEU A 346 12.58 -8.80 16.94
N ASN A 347 11.53 -8.97 16.14
CA ASN A 347 11.51 -9.99 15.09
C ASN A 347 11.84 -9.38 13.73
N ALA A 348 12.99 -8.75 13.63
CA ALA A 348 13.40 -8.12 12.38
C ALA A 348 13.87 -9.17 11.37
N ASP A 349 14.86 -9.98 11.77
CA ASP A 349 15.42 -10.98 10.87
C ASP A 349 14.41 -12.07 10.54
N LEU A 350 13.53 -12.39 11.48
CA LEU A 350 12.45 -13.33 11.19
C LEU A 350 11.48 -12.77 10.18
N TYR A 351 11.21 -11.46 10.23
CA TYR A 351 10.34 -10.85 9.23
C TYR A 351 11.00 -10.82 7.86
N LYS A 352 12.31 -10.57 7.81
CA LYS A 352 13.03 -10.63 6.53
C LYS A 352 13.02 -12.05 5.97
N TYR A 353 13.17 -13.05 6.83
CA TYR A 353 13.06 -14.45 6.41
C TYR A 353 11.67 -14.75 5.87
N ARG A 354 10.64 -14.23 6.53
CA ARG A 354 9.26 -14.42 6.07
C ARG A 354 9.03 -13.76 4.71
N GLN A 355 9.58 -12.56 4.51
CA GLN A 355 9.44 -11.86 3.23
C GLN A 355 10.16 -12.60 2.11
N ILE A 356 11.36 -13.11 2.38
CA ILE A 356 12.11 -13.87 1.39
C ILE A 356 11.38 -15.17 1.03
N LEU A 357 10.81 -15.83 2.03
CA LEU A 357 10.02 -17.04 1.78
C LEU A 357 8.75 -16.74 0.98
N GLY A 358 8.10 -15.61 1.28
CA GLY A 358 6.93 -15.22 0.52
C GLY A 358 7.25 -14.87 -0.92
N VAL A 359 8.43 -14.30 -1.16
CA VAL A 359 8.87 -14.07 -2.54
C VAL A 359 9.13 -15.41 -3.23
N LEU A 360 9.83 -16.32 -2.56
CA LEU A 360 10.26 -17.57 -3.19
C LEU A 360 9.16 -18.60 -3.32
N SER A 361 8.02 -18.42 -2.66
CA SER A 361 6.93 -19.38 -2.74
C SER A 361 6.04 -19.19 -3.98
N THR A 362 6.49 -18.41 -4.96
CA THR A 362 5.66 -17.99 -6.08
C THR A 362 6.41 -18.15 -7.40
N MET A 363 5.70 -18.62 -8.42
CA MET A 363 6.29 -18.78 -9.74
C MET A 363 6.48 -17.42 -10.40
N PRO A 364 7.66 -17.11 -10.91
CA PRO A 364 7.87 -15.82 -11.56
C PRO A 364 7.23 -15.78 -12.95
N ALA A 365 7.01 -14.55 -13.41
CA ALA A 365 6.41 -14.29 -14.73
C ALA A 365 7.47 -13.59 -15.58
N MET A 366 8.22 -14.39 -16.34
CA MET A 366 9.24 -13.86 -17.24
C MET A 366 8.60 -13.46 -18.56
N LYS A 367 8.93 -12.26 -19.04
CA LYS A 367 8.35 -11.72 -20.26
C LYS A 367 9.14 -12.10 -21.51
N THR A 368 10.19 -12.90 -21.38
CA THR A 368 10.96 -13.35 -22.52
C THR A 368 10.13 -14.31 -23.36
N ASP A 369 10.03 -14.04 -24.66
CA ASP A 369 9.26 -14.89 -25.55
C ASP A 369 10.00 -16.19 -25.83
N SER A 370 9.30 -17.10 -26.52
CA SER A 370 9.48 -18.55 -26.64
C SER A 370 9.17 -19.28 -25.34
N LEU A 371 8.84 -18.56 -24.27
CA LEU A 371 8.23 -19.10 -23.07
C LEU A 371 6.73 -18.85 -23.06
N LYS A 372 6.18 -18.36 -24.17
CA LYS A 372 4.74 -18.18 -24.30
C LYS A 372 3.93 -19.49 -24.18
N PRO A 373 4.32 -20.64 -24.75
CA PRO A 373 3.57 -21.87 -24.45
C PRO A 373 3.60 -22.26 -22.98
N PHE A 374 4.67 -21.95 -22.25
CA PHE A 374 4.74 -22.25 -20.81
C PHE A 374 3.64 -21.54 -20.05
N TYR A 375 3.54 -20.22 -20.23
CA TYR A 375 2.53 -19.44 -19.52
C TYR A 375 1.13 -19.64 -20.08
N ASP A 376 1.02 -20.00 -21.37
CA ASP A 376 -0.27 -20.37 -21.93
C ASP A 376 -0.81 -21.64 -21.27
N PHE A 377 0.05 -22.66 -21.12
CA PHE A 377 -0.36 -23.89 -20.45
C PHE A 377 -0.59 -23.65 -18.96
N ILE A 378 0.20 -22.76 -18.34
CA ILE A 378 0.00 -22.42 -16.93
C ILE A 378 -1.36 -21.76 -16.73
N LYS A 379 -1.73 -20.83 -17.61
CA LYS A 379 -3.03 -20.17 -17.51
C LYS A 379 -4.17 -21.14 -17.79
N ILE A 380 -4.00 -22.05 -18.75
CA ILE A 380 -5.02 -23.04 -19.05
C ILE A 380 -5.23 -23.98 -17.86
N ASN A 381 -4.14 -24.44 -17.25
CA ASN A 381 -4.21 -25.32 -16.09
C ASN A 381 -4.84 -24.62 -14.89
N ASN A 382 -4.45 -23.37 -14.64
CA ASN A 382 -5.00 -22.63 -13.51
C ASN A 382 -6.47 -22.32 -13.70
N ASP A 383 -6.89 -21.98 -14.93
CA ASP A 383 -8.30 -21.72 -15.18
C ASP A 383 -9.12 -23.01 -15.14
N SER A 384 -8.52 -24.14 -15.50
CA SER A 384 -9.24 -25.40 -15.39
C SER A 384 -9.35 -25.89 -13.95
N TYR A 385 -8.40 -25.52 -13.08
CA TYR A 385 -8.44 -26.00 -11.71
C TYR A 385 -9.13 -25.03 -10.74
N SER A 386 -9.23 -23.74 -11.09
CA SER A 386 -9.95 -22.81 -10.21
C SER A 386 -11.45 -23.06 -10.24
N GLU A 387 -11.99 -23.47 -11.38
CA GLU A 387 -13.39 -23.89 -11.42
C GLU A 387 -13.59 -25.22 -10.73
N LYS A 388 -12.58 -26.09 -10.76
CA LYS A 388 -12.66 -27.34 -10.01
C LYS A 388 -12.45 -27.15 -8.52
N ALA A 389 -11.95 -25.98 -8.09
CA ALA A 389 -11.93 -25.66 -6.67
C ALA A 389 -13.34 -25.56 -6.11
N GLU A 390 -14.26 -24.99 -6.88
CA GLU A 390 -15.67 -24.98 -6.51
C GLU A 390 -16.29 -26.34 -6.84
N LYS A 391 -17.60 -26.46 -6.55
CA LYS A 391 -18.38 -27.70 -6.73
C LYS A 391 -17.76 -28.87 -5.96
N ALA A 392 -17.30 -28.59 -4.75
CA ALA A 392 -16.68 -29.58 -3.88
C ALA A 392 -17.35 -29.53 -2.51
N ARG A 393 -16.90 -30.40 -1.61
CA ARG A 393 -17.46 -30.51 -0.28
C ARG A 393 -16.44 -30.06 0.76
N SER A 394 -16.93 -29.35 1.78
CA SER A 394 -16.18 -28.93 2.97
C SER A 394 -14.96 -28.07 2.64
N LYS A 395 -14.00 -28.03 3.57
CA LYS A 395 -12.77 -27.26 3.39
C LYS A 395 -11.54 -28.12 3.24
N GLU A 396 -11.55 -29.36 3.74
CA GLU A 396 -10.39 -30.23 3.57
C GLU A 396 -10.31 -30.80 2.16
N GLU A 397 -11.45 -31.14 1.56
CA GLU A 397 -11.46 -31.64 0.19
C GLU A 397 -11.23 -30.54 -0.84
N LYS A 398 -11.44 -29.28 -0.46
CA LYS A 398 -11.19 -28.18 -1.38
C LYS A 398 -9.70 -28.00 -1.65
N GLU A 399 -8.87 -28.22 -0.63
CA GLU A 399 -7.43 -28.04 -0.79
C GLU A 399 -6.82 -29.14 -1.66
N LYS A 400 -7.44 -30.32 -1.69
CA LYS A 400 -6.95 -31.41 -2.53
C LYS A 400 -7.09 -31.11 -4.02
N ILE A 401 -7.99 -30.19 -4.38
CA ILE A 401 -8.07 -29.72 -5.75
C ILE A 401 -7.38 -28.35 -5.92
N GLN A 402 -7.29 -27.55 -4.86
CA GLN A 402 -6.65 -26.26 -4.93
C GLN A 402 -5.12 -26.36 -4.94
N ALA A 403 -4.56 -27.51 -4.56
CA ALA A 403 -3.12 -27.66 -4.42
C ALA A 403 -2.34 -27.57 -5.73
N PHE A 404 -3.00 -27.66 -6.88
CA PHE A 404 -2.30 -27.57 -8.15
C PHE A 404 -2.23 -26.15 -8.70
N ILE A 405 -2.85 -25.18 -8.04
CA ILE A 405 -2.89 -23.81 -8.55
C ILE A 405 -1.59 -23.10 -8.16
N ILE A 406 -0.92 -22.53 -9.15
CA ILE A 406 0.41 -21.95 -8.99
C ILE A 406 0.28 -20.45 -8.82
N PRO A 407 0.76 -19.86 -7.73
CA PRO A 407 0.80 -18.41 -7.62
C PRO A 407 1.82 -17.80 -8.59
N GLN A 408 1.59 -16.54 -8.94
CA GLN A 408 2.22 -15.94 -10.11
C GLN A 408 3.13 -14.75 -9.81
N ARG A 409 3.47 -14.50 -8.54
CA ARG A 409 4.46 -13.52 -8.07
C ARG A 409 4.10 -12.06 -8.37
N LYS A 410 4.76 -11.13 -7.68
CA LYS A 410 4.47 -9.71 -7.91
C LYS A 410 5.71 -8.89 -8.24
N SER A 411 6.82 -9.08 -7.52
CA SER A 411 7.89 -8.08 -7.51
C SER A 411 9.19 -8.58 -8.12
N SER A 412 9.77 -9.66 -7.60
CA SER A 412 11.11 -10.17 -7.96
C SER A 412 12.18 -9.10 -7.81
N ASN A 413 12.38 -8.66 -6.57
CA ASN A 413 13.40 -7.65 -6.27
C ASN A 413 14.68 -8.33 -5.79
N TYR A 414 15.38 -8.95 -6.75
CA TYR A 414 16.64 -9.62 -6.44
C TYR A 414 17.72 -8.63 -6.04
N THR A 415 17.79 -7.49 -6.74
CA THR A 415 18.80 -6.49 -6.45
C THR A 415 18.59 -5.86 -5.07
N TYR A 416 17.33 -5.64 -4.69
CA TYR A 416 17.05 -5.09 -3.37
C TYR A 416 17.46 -6.05 -2.27
N TRP A 417 17.20 -7.35 -2.45
CA TRP A 417 17.58 -8.31 -1.42
C TRP A 417 19.09 -8.50 -1.34
N PHE A 418 19.78 -8.44 -2.49
CA PHE A 418 21.24 -8.48 -2.46
C PHE A 418 21.80 -7.28 -1.72
N MET A 419 21.28 -6.09 -2.01
CA MET A 419 21.79 -4.89 -1.35
C MET A 419 21.40 -4.84 0.12
N LYS A 420 20.26 -5.46 0.48
CA LYS A 420 19.90 -5.59 1.89
C LYS A 420 20.86 -6.52 2.62
N TYR A 421 21.29 -7.60 1.97
CA TYR A 421 22.29 -8.48 2.57
C TYR A 421 23.62 -7.76 2.76
N LEU A 422 24.06 -7.00 1.77
CA LEU A 422 25.29 -6.23 1.96
C LEU A 422 25.13 -5.10 2.97
N ASN A 423 23.93 -4.57 3.14
CA ASN A 423 23.73 -3.53 4.14
C ASN A 423 23.69 -4.10 5.55
N ASP A 424 23.18 -5.32 5.72
CA ASP A 424 23.08 -5.92 7.03
C ASP A 424 24.44 -6.31 7.60
N ASN A 425 25.35 -6.75 6.74
CA ASN A 425 26.69 -7.14 7.18
C ASN A 425 27.69 -6.01 7.13
N LYS A 426 27.21 -4.78 6.83
CA LYS A 426 28.03 -3.56 6.77
C LYS A 426 29.18 -3.70 5.77
N LEU A 427 28.90 -4.29 4.61
CA LEU A 427 29.91 -4.45 3.58
C LEU A 427 30.11 -3.19 2.74
N LEU A 428 29.23 -2.19 2.88
CA LEU A 428 29.34 -0.93 2.17
C LEU A 428 30.02 0.10 3.07
N ASP A 429 31.28 0.38 2.81
CA ASP A 429 32.04 1.34 3.60
C ASP A 429 32.87 2.21 2.67
N GLY A 430 32.93 3.51 2.98
CA GLY A 430 33.62 4.45 2.13
C GLY A 430 32.95 4.67 0.81
N PHE A 431 31.64 4.48 0.73
CA PHE A 431 30.89 4.52 -0.51
C PHE A 431 29.79 5.57 -0.43
N ARG A 432 28.96 5.61 -1.47
CA ARG A 432 27.76 6.41 -1.51
C ARG A 432 26.77 5.69 -2.39
N ILE A 433 25.53 5.56 -1.93
CA ILE A 433 24.51 4.77 -2.60
C ILE A 433 23.36 5.68 -2.99
N ALA A 434 22.89 5.58 -4.23
CA ALA A 434 21.76 6.35 -4.68
C ALA A 434 20.48 5.83 -4.05
N TYR A 435 19.73 6.73 -3.41
CA TYR A 435 18.46 6.41 -2.79
C TYR A 435 17.36 7.21 -3.47
N TYR A 436 16.13 6.72 -3.37
CA TYR A 436 14.99 7.38 -3.99
C TYR A 436 14.73 8.74 -3.34
N LYS A 437 14.25 9.68 -4.14
CA LYS A 437 14.04 11.05 -3.70
C LYS A 437 12.64 11.20 -3.14
N THR A 438 12.55 11.76 -1.96
CA THR A 438 11.33 12.11 -1.25
C THR A 438 10.91 13.53 -1.60
N PRO A 439 9.61 13.83 -1.53
CA PRO A 439 9.17 15.23 -1.74
C PRO A 439 9.72 16.20 -0.71
N GLU A 440 9.99 15.73 0.52
CA GLU A 440 10.59 16.58 1.53
C GLU A 440 12.01 16.97 1.16
N ASP A 441 12.77 16.04 0.56
CA ASP A 441 14.11 16.37 0.07
C ASP A 441 14.04 17.36 -1.08
N ARG A 442 13.03 17.22 -1.95
CA ARG A 442 12.83 18.19 -3.03
C ARG A 442 12.52 19.58 -2.48
N PHE A 443 11.67 19.66 -1.45
CA PHE A 443 11.36 20.95 -0.86
C PHE A 443 12.56 21.56 -0.14
N MET A 444 13.38 20.72 0.50
CA MET A 444 14.60 21.23 1.14
C MET A 444 15.59 21.74 0.10
N TYR A 445 15.69 21.05 -1.04
CA TYR A 445 16.51 21.55 -2.14
C TYR A 445 15.97 22.86 -2.71
N LEU A 446 14.65 23.01 -2.72
CA LEU A 446 14.06 24.26 -3.19
C LEU A 446 14.34 25.42 -2.24
N ILE A 447 14.22 25.20 -0.93
CA ILE A 447 14.39 26.33 -0.02
C ILE A 447 15.88 26.63 0.16
N HIS A 448 16.75 25.62 -0.02
CA HIS A 448 18.19 25.83 0.12
C HIS A 448 18.78 26.66 -1.01
N ASN A 449 18.07 26.84 -2.11
CA ASN A 449 18.53 27.71 -3.20
C ASN A 449 17.55 28.83 -3.48
N SER A 494 26.48 27.80 -9.84
CA SER A 494 26.06 27.55 -11.22
C SER A 494 24.61 27.11 -11.26
N LEU A 495 23.78 27.85 -12.00
CA LEU A 495 22.35 27.59 -12.04
C LEU A 495 22.02 26.32 -12.80
N THR A 496 22.79 26.00 -13.85
CA THR A 496 22.49 24.81 -14.65
C THR A 496 22.80 23.53 -13.88
N GLU A 497 23.76 23.56 -12.94
CA GLU A 497 24.01 22.39 -12.12
C GLU A 497 22.85 22.12 -11.16
N ILE A 498 22.28 23.18 -10.59
CA ILE A 498 21.10 23.03 -9.74
C ILE A 498 19.91 22.57 -10.56
N TYR A 499 19.79 23.06 -11.80
CA TYR A 499 18.72 22.62 -12.68
C TYR A 499 18.88 21.15 -13.08
N LYS A 500 20.13 20.69 -13.24
CA LYS A 500 20.36 19.29 -13.56
C LYS A 500 20.09 18.39 -12.36
N GLU A 501 20.46 18.85 -11.16
CA GLU A 501 20.18 18.08 -9.95
C GLU A 501 18.70 18.03 -9.64
N THR A 502 17.96 19.07 -10.03
CA THR A 502 16.52 19.10 -9.82
C THR A 502 15.80 18.01 -10.63
N GLN A 503 16.27 17.77 -11.86
CA GLN A 503 15.62 16.77 -12.72
C GLN A 503 15.87 15.35 -12.23
N ARG A 504 16.98 15.12 -11.53
CA ARG A 504 17.31 13.77 -11.07
C ARG A 504 16.42 13.38 -9.89
N ASN A 505 15.97 12.13 -9.90
CA ASN A 505 15.10 11.62 -8.84
C ASN A 505 15.83 10.70 -7.86
N PHE A 506 17.15 10.81 -7.76
CA PHE A 506 17.90 10.06 -6.76
C PHE A 506 18.93 10.97 -6.10
N VAL A 507 19.37 10.56 -4.92
CA VAL A 507 20.29 11.35 -4.11
C VAL A 507 21.33 10.40 -3.50
N PHE A 508 22.58 10.85 -3.48
CA PHE A 508 23.67 10.07 -2.92
C PHE A 508 23.90 10.45 -1.46
N LYS A 509 24.03 9.45 -0.59
CA LYS A 509 24.33 9.66 0.81
C LYS A 509 24.99 8.42 1.39
N VAL A 510 25.60 8.58 2.55
CA VAL A 510 26.35 7.49 3.21
C VAL A 510 25.38 6.42 3.68
N PRO A 511 25.61 5.15 3.35
CA PRO A 511 24.65 4.10 3.74
C PRO A 511 24.73 3.75 5.22
N THR A 512 23.56 3.53 5.82
CA THR A 512 23.43 3.08 7.20
C THR A 512 22.61 1.78 7.21
N ILE A 513 22.47 1.21 8.41
CA ILE A 513 21.69 -0.01 8.56
C ILE A 513 20.20 0.27 8.38
N GLU A 514 19.72 1.39 8.91
CA GLU A 514 18.31 1.74 8.86
C GLU A 514 17.98 2.56 7.61
N ASN A 515 18.32 2.01 6.44
CA ASN A 515 18.06 2.68 5.16
C ASN A 515 18.04 1.62 4.08
N ASP A 516 16.87 1.39 3.48
CA ASP A 516 16.72 0.38 2.46
C ASP A 516 15.91 0.94 1.28
N ASN A 517 16.09 2.22 0.98
CA ASN A 517 15.44 2.84 -0.17
C ASN A 517 16.32 2.81 -1.40
N PHE A 518 16.79 1.62 -1.77
CA PHE A 518 17.79 1.50 -2.82
C PHE A 518 17.20 1.79 -4.21
N CYS A 519 17.95 2.53 -5.01
CA CYS A 519 17.51 2.93 -6.34
C CYS A 519 17.79 1.80 -7.33
N VAL A 520 16.72 1.25 -7.91
CA VAL A 520 16.82 0.15 -8.85
C VAL A 520 16.29 0.68 -10.18
N LYS A 521 17.20 1.16 -11.03
CA LYS A 521 16.86 1.69 -12.34
C LYS A 521 17.27 0.67 -13.39
N LYS A 522 16.28 -0.12 -13.84
CA LYS A 522 16.46 -1.24 -14.78
C LYS A 522 17.49 -2.23 -14.27
N LEU A 523 17.23 -2.73 -13.06
CA LEU A 523 18.00 -3.73 -12.32
C LEU A 523 19.41 -3.26 -11.96
N ASN A 524 19.70 -1.97 -12.06
CA ASN A 524 21.03 -1.44 -11.79
C ASN A 524 21.05 -0.68 -10.48
N VAL A 525 22.24 -0.49 -9.94
CA VAL A 525 22.46 0.32 -8.74
C VAL A 525 23.63 1.24 -8.99
N PHE A 526 23.69 2.32 -8.22
CA PHE A 526 24.66 3.39 -8.44
C PHE A 526 25.57 3.52 -7.23
N PHE A 527 26.88 3.60 -7.48
CA PHE A 527 27.90 3.69 -6.45
C PHE A 527 28.72 4.95 -6.69
N GLN A 528 29.53 5.31 -5.71
CA GLN A 528 30.43 6.45 -5.84
C GLN A 528 31.76 6.15 -5.15
N THR A 529 32.85 6.46 -5.83
CA THR A 529 34.19 6.08 -5.44
C THR A 529 35.04 7.36 -5.38
N ASP A 530 36.06 7.37 -4.53
CA ASP A 530 36.80 8.59 -4.22
C ASP A 530 38.28 8.46 -4.54
N ILE A 531 38.61 8.04 -5.77
CA ILE A 531 40.00 7.80 -6.17
C ILE A 531 40.83 9.08 -6.13
N GLU A 532 42.15 8.90 -6.08
CA GLU A 532 43.10 9.90 -5.59
C GLU A 532 44.22 10.17 -6.60
N PHE A 533 43.81 10.67 -7.75
CA PHE A 533 44.79 11.05 -8.77
C PHE A 533 45.49 12.33 -8.38
N ASN A 534 46.77 12.24 -8.05
CA ASN A 534 47.58 13.42 -7.73
C ASN A 534 47.09 14.15 -6.48
N GLY A 535 46.51 13.41 -5.55
CA GLY A 535 45.96 14.00 -4.34
C GLY A 535 44.60 14.64 -4.49
N GLN A 536 44.03 14.63 -5.70
CA GLN A 536 42.71 15.20 -5.89
C GLN A 536 41.63 14.20 -5.46
N LYS A 537 40.47 14.73 -5.12
CA LYS A 537 39.38 13.96 -4.53
C LYS A 537 38.29 13.66 -5.54
N ILE A 538 38.68 13.28 -6.77
CA ILE A 538 37.77 13.09 -7.89
C ILE A 538 36.77 11.98 -7.60
N SER A 539 35.50 12.36 -7.46
CA SER A 539 34.43 11.41 -7.22
C SER A 539 33.99 10.80 -8.54
N VAL A 540 33.93 9.47 -8.59
CA VAL A 540 33.59 8.74 -9.81
C VAL A 540 32.31 7.96 -9.54
N GLN A 541 31.28 8.23 -10.33
CA GLN A 541 30.05 7.46 -10.24
C GLN A 541 30.19 6.18 -11.06
N LEU A 542 29.69 5.08 -10.51
CA LEU A 542 29.67 3.81 -11.21
C LEU A 542 28.23 3.38 -11.43
N SER A 543 28.06 2.22 -12.04
CA SER A 543 26.72 1.65 -12.24
C SER A 543 26.88 0.14 -12.22
N VAL A 544 26.61 -0.46 -11.06
CA VAL A 544 26.94 -1.85 -10.82
C VAL A 544 25.82 -2.74 -11.36
N SER A 545 26.20 -3.70 -12.20
CA SER A 545 25.26 -4.65 -12.75
C SER A 545 24.73 -5.58 -11.65
N PRO A 546 23.52 -6.14 -11.81
CA PRO A 546 23.00 -7.02 -10.76
C PRO A 546 23.69 -8.37 -10.66
N ASP A 547 24.56 -8.72 -11.62
CA ASP A 547 25.32 -9.95 -11.56
C ASP A 547 26.72 -9.76 -10.99
N PHE A 548 27.04 -8.55 -10.52
CA PHE A 548 28.26 -8.30 -9.75
C PHE A 548 28.02 -8.42 -8.26
N LEU A 549 26.92 -7.85 -7.76
CA LEU A 549 26.53 -8.04 -6.37
C LEU A 549 26.21 -9.49 -6.07
N MET A 550 25.70 -10.22 -7.07
CA MET A 550 25.42 -11.63 -6.88
C MET A 550 26.69 -12.45 -6.67
N LYS A 551 27.74 -12.14 -7.44
CA LYS A 551 29.03 -12.78 -7.21
C LYS A 551 29.65 -12.34 -5.89
N TRP A 552 29.41 -11.09 -5.47
CA TRP A 552 29.84 -10.64 -4.14
C TRP A 552 29.18 -11.44 -3.03
N VAL A 553 27.87 -11.68 -3.15
CA VAL A 553 27.14 -12.48 -2.17
C VAL A 553 27.64 -13.93 -2.18
N PHE A 554 27.98 -14.45 -3.36
CA PHE A 554 28.52 -15.81 -3.46
C PHE A 554 29.87 -15.93 -2.75
N VAL A 555 30.75 -14.94 -2.95
CA VAL A 555 32.06 -14.95 -2.30
C VAL A 555 31.90 -14.80 -0.79
N LEU A 556 30.91 -14.03 -0.33
CA LEU A 556 30.58 -13.99 1.09
C LEU A 556 30.12 -15.35 1.61
N LEU A 557 29.16 -15.95 0.91
CA LEU A 557 28.46 -17.13 1.42
C LEU A 557 29.26 -18.41 1.31
N ILE A 558 30.33 -18.44 0.51
CA ILE A 558 31.18 -19.62 0.48
C ILE A 558 32.33 -19.49 1.47
N THR A 559 33.09 -18.41 1.40
CA THR A 559 34.18 -18.16 2.33
C THR A 559 33.84 -16.93 3.16
N GLY A 560 33.77 -17.09 4.47
CA GLY A 560 33.63 -15.94 5.35
C GLY A 560 34.87 -15.07 5.33
N GLU A 561 34.66 -13.78 5.61
CA GLU A 561 35.69 -12.73 5.50
C GLU A 561 36.25 -12.70 4.07
N ASP A 562 35.38 -12.23 3.17
CA ASP A 562 35.56 -12.38 1.73
C ASP A 562 36.86 -11.79 1.21
N SER A 563 37.47 -12.50 0.28
CA SER A 563 38.71 -12.07 -0.37
C SER A 563 38.81 -12.77 -1.70
N ILE A 564 39.60 -12.18 -2.60
CA ILE A 564 39.87 -12.76 -3.91
C ILE A 564 41.36 -12.63 -4.18
N LYS A 565 41.85 -13.47 -5.09
CA LYS A 565 43.26 -13.45 -5.48
C LYS A 565 43.38 -13.09 -6.95
N ASN A 566 44.41 -12.32 -7.27
CA ASN A 566 44.70 -11.85 -8.61
C ASN A 566 45.73 -12.76 -9.29
N ALA A 567 46.19 -12.33 -10.47
CA ALA A 567 47.05 -13.16 -11.29
C ALA A 567 48.48 -13.24 -10.76
N ILE A 568 48.95 -12.24 -10.03
CA ILE A 568 50.33 -12.20 -9.55
C ILE A 568 50.33 -11.92 -8.06
N THR A 569 51.16 -12.69 -7.33
CA THR A 569 51.45 -12.65 -5.88
C THR A 569 50.30 -13.18 -5.01
N GLU A 570 49.14 -13.43 -5.61
CA GLU A 570 48.03 -14.22 -5.03
C GLU A 570 47.58 -13.69 -3.67
N LYS A 571 47.44 -12.37 -3.53
CA LYS A 571 47.10 -11.78 -2.25
C LYS A 571 45.60 -11.87 -1.99
N LYS A 572 45.17 -11.31 -0.86
CA LYS A 572 43.76 -11.15 -0.53
C LYS A 572 43.38 -9.72 -0.88
N GLU A 573 42.40 -9.56 -1.76
CA GLU A 573 42.24 -8.29 -2.45
C GLU A 573 41.06 -7.44 -2.00
N LYS A 574 40.13 -7.98 -1.19
CA LYS A 574 39.14 -7.18 -0.47
C LYS A 574 38.23 -6.34 -1.37
N ILE A 575 37.23 -6.98 -2.00
CA ILE A 575 36.50 -6.58 -3.22
C ILE A 575 36.18 -5.08 -3.35
N LYS A 576 35.96 -4.40 -2.21
CA LYS A 576 35.84 -2.94 -2.24
C LYS A 576 37.13 -2.29 -2.75
N ASP A 577 38.29 -2.79 -2.32
CA ASP A 577 39.56 -2.30 -2.85
C ASP A 577 39.75 -2.66 -4.31
N ILE A 578 39.20 -3.82 -4.73
CA ILE A 578 39.22 -4.20 -6.14
C ILE A 578 38.43 -3.20 -6.98
N LEU A 579 37.25 -2.80 -6.49
CA LEU A 579 36.43 -1.83 -7.21
C LEU A 579 37.08 -0.45 -7.25
N LYS A 580 37.71 -0.05 -6.14
CA LYS A 580 38.41 1.24 -6.11
C LYS A 580 39.60 1.25 -7.06
N LYS A 581 40.38 0.17 -7.09
CA LYS A 581 41.50 0.08 -8.01
C LYS A 581 41.04 0.01 -9.46
N TYR A 582 39.91 -0.65 -9.71
CA TYR A 582 39.35 -0.70 -11.06
C TYR A 582 38.90 0.67 -11.54
N ALA A 583 38.27 1.46 -10.65
CA ALA A 583 37.90 2.82 -11.01
C ALA A 583 39.12 3.69 -11.29
N GLU A 584 40.17 3.57 -10.45
CA GLU A 584 41.39 4.34 -10.67
C GLU A 584 42.08 3.94 -11.97
N GLU A 585 42.10 2.64 -12.26
CA GLU A 585 42.76 2.15 -13.47
C GLU A 585 41.97 2.56 -14.72
N TYR A 586 40.63 2.55 -14.64
CA TYR A 586 39.81 3.03 -15.75
C TYR A 586 40.02 4.51 -16.01
N TYR A 587 40.13 5.30 -14.93
CA TYR A 587 40.44 6.73 -15.08
C TYR A 587 41.79 6.94 -15.75
N ASN A 588 42.83 6.26 -15.25
CA ASN A 588 44.17 6.44 -15.77
C ASN A 588 44.36 5.85 -17.16
N ARG A 589 43.48 4.92 -17.57
CA ARG A 589 43.55 4.40 -18.92
C ARG A 589 42.77 5.28 -19.90
N CYS A 590 41.62 5.82 -19.48
CA CYS A 590 40.89 6.77 -20.33
C CYS A 590 41.65 8.06 -20.53
N ILE A 591 42.50 8.45 -19.57
CA ILE A 591 43.26 9.69 -19.71
C ILE A 591 44.38 9.57 -20.74
N THR A 592 44.76 8.37 -21.15
CA THR A 592 45.85 8.16 -22.11
C THR A 592 45.45 7.15 -23.18
N SER A 593 44.24 7.33 -23.74
CA SER A 593 43.66 6.52 -24.82
C SER A 593 43.59 5.03 -24.46
N ASN A 594 44.46 4.22 -25.09
CA ASN A 594 44.73 2.83 -24.71
C ASN A 594 43.47 1.95 -24.74
N PHE A 595 42.62 2.16 -25.74
CA PHE A 595 41.38 1.43 -25.84
C PHE A 595 41.53 0.11 -26.58
N ASN A 596 42.75 -0.27 -26.96
CA ASN A 596 42.99 -1.48 -27.74
C ASN A 596 43.43 -2.66 -26.88
N GLU A 597 44.26 -2.44 -25.86
CA GLU A 597 44.73 -3.53 -25.02
C GLU A 597 43.64 -3.99 -24.06
N PRO A 598 43.64 -5.26 -23.66
CA PRO A 598 42.66 -5.72 -22.67
C PRO A 598 42.88 -5.09 -21.30
N LEU A 599 41.78 -4.96 -20.56
CA LEU A 599 41.81 -4.36 -19.23
C LEU A 599 41.81 -5.48 -18.19
N MET A 600 42.80 -5.44 -17.30
CA MET A 600 43.06 -6.46 -16.27
C MET A 600 43.13 -7.85 -16.88
N GLY A 601 42.02 -8.58 -16.84
CA GLY A 601 41.94 -9.86 -17.50
C GLY A 601 40.60 -10.06 -18.16
N LEU A 602 39.74 -9.04 -18.09
CA LEU A 602 38.38 -9.12 -18.61
C LEU A 602 38.33 -9.30 -20.12
N GLU A 603 38.69 -8.24 -20.85
CA GLU A 603 38.59 -8.10 -22.29
C GLU A 603 39.11 -6.72 -22.64
N ALA A 604 39.18 -6.43 -23.94
CA ALA A 604 39.35 -5.06 -24.40
C ALA A 604 38.03 -4.41 -24.81
N SER A 605 36.99 -5.22 -25.04
CA SER A 605 35.70 -4.71 -25.51
C SER A 605 34.59 -4.83 -24.48
N LYS A 606 34.80 -5.56 -23.38
CA LYS A 606 33.81 -5.59 -22.31
C LYS A 606 33.79 -4.29 -21.53
N VAL A 607 34.85 -3.50 -21.61
CA VAL A 607 34.86 -2.11 -21.19
C VAL A 607 34.99 -1.29 -22.46
N PHE A 608 35.00 0.05 -22.32
CA PHE A 608 35.26 0.98 -23.42
C PHE A 608 34.27 0.84 -24.56
N PRO A 609 33.06 1.44 -24.45
CA PRO A 609 32.01 1.22 -25.45
C PRO A 609 32.33 1.70 -26.86
N SER A 610 31.37 1.49 -27.78
CA SER A 610 31.58 1.73 -29.21
C SER A 610 31.80 3.19 -29.56
N SER A 611 31.59 4.11 -28.63
CA SER A 611 31.87 5.52 -28.89
C SER A 611 33.36 5.80 -29.00
N LEU A 612 34.21 4.90 -28.47
CA LEU A 612 35.65 5.12 -28.48
C LEU A 612 36.44 4.02 -29.18
N THR A 613 35.83 2.84 -29.41
CA THR A 613 36.53 1.74 -30.06
C THR A 613 36.28 1.70 -31.57
N SER A 614 35.02 1.58 -31.98
CA SER A 614 34.66 1.48 -33.39
C SER A 614 34.24 2.85 -33.90
N THR A 615 34.84 3.27 -35.01
CA THR A 615 34.56 4.59 -35.54
C THR A 615 34.76 4.62 -37.04
N VAL A 616 34.09 5.57 -37.69
CA VAL A 616 34.27 5.90 -39.10
C VAL A 616 34.64 7.37 -39.19
N GLU A 617 35.55 7.70 -40.12
CA GLU A 617 36.01 9.07 -40.27
C GLU A 617 34.92 9.99 -40.80
N ILE A 618 34.13 9.52 -41.75
CA ILE A 618 33.08 10.30 -42.39
C ILE A 618 31.75 9.65 -42.08
N ASP A 619 30.79 10.46 -41.59
CA ASP A 619 29.45 9.96 -41.28
C ASP A 619 28.77 9.46 -42.55
N GLU A 620 28.46 8.17 -42.57
CA GLU A 620 27.97 7.52 -43.77
C GLU A 620 26.53 7.93 -44.09
N LYS A 621 26.16 7.77 -45.35
CA LYS A 621 24.79 8.02 -45.77
C LYS A 621 23.86 6.95 -45.19
N ILE A 622 22.68 7.38 -44.74
CA ILE A 622 21.73 6.48 -44.11
C ILE A 622 21.01 5.68 -45.18
N ASP A 623 21.12 4.36 -45.11
CA ASP A 623 20.51 3.50 -46.10
C ASP A 623 19.02 3.30 -45.79
N LYS A 624 18.28 2.82 -46.80
CA LYS A 624 16.85 2.64 -46.64
C LYS A 624 16.51 1.41 -45.81
N ASP A 625 17.37 0.39 -45.83
CA ASP A 625 17.10 -0.85 -45.11
C ASP A 625 17.15 -0.64 -43.60
N LYS A 626 18.01 0.28 -43.14
CA LYS A 626 18.02 0.64 -41.72
C LYS A 626 16.69 1.27 -41.30
N ILE A 627 16.12 2.11 -42.17
CA ILE A 627 14.84 2.75 -41.86
C ILE A 627 13.72 1.73 -41.87
N LEU A 628 13.76 0.80 -42.84
CA LEU A 628 12.76 -0.26 -42.90
C LEU A 628 12.90 -1.26 -41.76
N MET A 629 14.08 -1.36 -41.15
CA MET A 629 14.25 -2.16 -39.93
C MET A 629 13.76 -1.43 -38.68
N ARG A 630 14.02 -0.12 -38.57
CA ARG A 630 13.56 0.65 -37.42
C ARG A 630 12.04 0.75 -37.38
N ILE A 631 11.42 0.97 -38.55
CA ILE A 631 9.96 1.02 -38.65
C ILE A 631 9.36 -0.32 -38.26
N SER A 632 9.95 -1.42 -38.75
CA SER A 632 9.44 -2.75 -38.46
C SER A 632 9.57 -3.11 -36.98
N GLU A 633 10.70 -2.75 -36.36
CA GLU A 633 10.89 -3.08 -34.95
C GLU A 633 9.98 -2.24 -34.05
N LYS A 634 9.75 -0.97 -34.41
CA LYS A 634 8.79 -0.16 -33.65
C LYS A 634 7.38 -0.70 -33.81
N TYR A 635 7.02 -1.15 -35.02
CA TYR A 635 5.69 -1.70 -35.26
C TYR A 635 5.45 -2.98 -34.47
N ASN A 636 6.42 -3.91 -34.47
CA ASN A 636 6.18 -5.15 -33.75
C ASN A 636 6.30 -4.96 -32.24
N GLU A 637 7.08 -3.98 -31.78
CA GLU A 637 7.09 -3.66 -30.35
C GLU A 637 5.75 -3.11 -29.89
N LEU A 638 5.16 -2.21 -30.70
CA LEU A 638 3.83 -1.68 -30.37
C LEU A 638 2.77 -2.77 -30.43
N THR A 639 2.89 -3.70 -31.39
CA THR A 639 1.94 -4.80 -31.47
C THR A 639 2.06 -5.75 -30.28
N LYS A 640 3.29 -6.01 -29.83
CA LYS A 640 3.50 -6.85 -28.65
C LYS A 640 2.92 -6.19 -27.40
N PHE A 641 3.13 -4.88 -27.24
CA PHE A 641 2.54 -4.17 -26.11
C PHE A 641 1.02 -4.18 -26.16
N ASP A 642 0.45 -3.98 -27.36
CA ASP A 642 -1.00 -3.98 -27.51
C ASP A 642 -1.60 -5.35 -27.18
N GLU A 643 -0.94 -6.42 -27.64
CA GLU A 643 -1.45 -7.76 -27.34
C GLU A 643 -1.31 -8.10 -25.86
N GLU A 644 -0.19 -7.72 -25.24
CA GLU A 644 -0.01 -8.02 -23.82
C GLU A 644 -0.88 -7.12 -22.93
N ASN A 645 -1.35 -5.98 -23.44
CA ASN A 645 -2.30 -5.18 -22.68
C ASN A 645 -3.73 -5.67 -22.88
N LYS A 646 -4.05 -6.17 -24.07
CA LYS A 646 -5.37 -6.72 -24.32
C LYS A 646 -5.55 -8.09 -23.68
N SER A 647 -4.45 -8.78 -23.34
CA SER A 647 -4.57 -10.09 -22.71
C SER A 647 -5.04 -10.02 -21.27
N ARG A 648 -4.88 -8.88 -20.60
CA ARG A 648 -5.22 -8.77 -19.19
C ARG A 648 -6.73 -8.67 -18.98
N LYS A 649 -7.17 -9.08 -17.80
CA LYS A 649 -8.60 -9.06 -17.48
C LYS A 649 -9.09 -7.63 -17.22
N ALA A 650 -8.28 -6.81 -16.55
CA ALA A 650 -8.60 -5.41 -16.30
C ALA A 650 -7.55 -4.56 -17.00
N PRO A 651 -7.81 -4.12 -18.24
CA PRO A 651 -6.78 -3.40 -19.01
C PRO A 651 -6.46 -2.01 -18.48
N TRP A 652 -7.32 -1.41 -17.66
CA TRP A 652 -7.14 -0.04 -17.21
C TRP A 652 -6.28 0.07 -15.96
N ARG A 653 -5.50 -0.96 -15.66
CA ARG A 653 -4.61 -0.95 -14.51
C ARG A 653 -3.18 -1.32 -14.84
N PHE A 654 -2.82 -1.46 -16.12
CA PHE A 654 -1.55 -2.06 -16.49
C PHE A 654 -0.38 -1.13 -16.22
N ALA A 655 -0.36 0.03 -16.87
CA ALA A 655 0.79 0.91 -16.74
C ALA A 655 0.35 2.36 -16.91
N SER A 656 1.20 3.25 -16.41
CA SER A 656 1.01 4.69 -16.52
C SER A 656 2.15 5.38 -17.24
N LYS A 657 3.40 4.94 -16.99
CA LYS A 657 4.54 5.48 -17.71
C LYS A 657 4.60 4.96 -19.14
N ARG A 658 3.89 3.87 -19.44
CA ARG A 658 3.93 3.26 -20.76
C ARG A 658 2.74 3.64 -21.63
N LYS A 659 1.56 3.81 -21.05
CA LYS A 659 0.39 4.17 -21.85
C LYS A 659 0.43 5.63 -22.28
N ILE A 660 0.88 6.52 -21.39
CA ILE A 660 0.95 7.94 -21.71
C ILE A 660 2.06 8.21 -22.72
N ASP A 661 3.20 7.53 -22.56
CA ASP A 661 4.35 7.79 -23.42
C ASP A 661 4.11 7.31 -24.84
N ILE A 662 3.28 6.29 -25.04
CA ILE A 662 2.92 5.86 -26.39
C ILE A 662 2.14 6.95 -27.11
N ILE A 663 1.16 7.55 -26.44
CA ILE A 663 0.37 8.63 -27.02
C ILE A 663 1.23 9.84 -27.30
N LEU A 664 2.12 10.18 -26.37
CA LEU A 664 2.94 11.37 -26.55
C LEU A 664 4.01 11.18 -27.62
N ASP A 665 4.56 9.96 -27.74
CA ASP A 665 5.47 9.68 -28.84
C ASP A 665 4.76 9.67 -30.19
N TYR A 666 3.49 9.22 -30.21
CA TYR A 666 2.70 9.28 -31.43
C TYR A 666 2.49 10.72 -31.88
N VAL A 667 2.06 11.60 -30.96
CA VAL A 667 1.82 12.97 -31.35
C VAL A 667 3.13 13.70 -31.66
N HIS A 668 4.24 13.30 -31.00
CA HIS A 668 5.52 13.92 -31.30
C HIS A 668 6.05 13.52 -32.67
N LEU A 669 5.86 12.25 -33.06
CA LEU A 669 6.33 11.81 -34.36
C LEU A 669 5.48 12.38 -35.49
N VAL A 670 4.16 12.47 -35.27
CA VAL A 670 3.29 13.10 -36.27
C VAL A 670 3.62 14.58 -36.41
N TYR A 671 3.85 15.27 -35.28
CA TYR A 671 4.26 16.67 -35.33
C TYR A 671 5.62 16.84 -36.00
N SER A 672 6.55 15.92 -35.75
CA SER A 672 7.89 16.05 -36.33
C SER A 672 7.86 15.86 -37.84
N ASP A 673 7.06 14.92 -38.33
CA ASP A 673 6.92 14.77 -39.78
C ASP A 673 6.22 15.98 -40.40
N ARG A 674 5.14 16.46 -39.76
CA ARG A 674 4.40 17.60 -40.30
C ARG A 674 5.22 18.89 -40.25
N ALA A 675 6.14 19.00 -39.31
CA ALA A 675 6.99 20.19 -39.21
C ALA A 675 8.27 20.05 -40.00
N PHE A 676 8.66 18.83 -40.40
CA PHE A 676 9.81 18.69 -41.26
C PHE A 676 9.44 18.86 -42.73
N ASP A 677 8.31 18.29 -43.17
CA ASP A 677 7.96 18.45 -44.58
C ASP A 677 7.46 19.85 -44.90
N GLU A 678 7.12 20.65 -43.90
CA GLU A 678 6.79 22.06 -44.09
C GLU A 678 8.01 22.96 -43.90
N LYS A 679 9.16 22.40 -43.53
CA LYS A 679 10.46 23.07 -43.50
C LYS A 679 10.48 24.28 -42.55
N LYS A 680 10.30 23.98 -41.26
CA LYS A 680 10.39 25.00 -40.24
C LYS A 680 11.84 25.14 -39.77
N SER A 681 12.05 25.91 -38.70
CA SER A 681 13.38 26.26 -38.23
C SER A 681 13.81 25.30 -37.12
N VAL A 682 14.92 25.62 -36.46
CA VAL A 682 15.41 24.79 -35.36
C VAL A 682 14.70 25.15 -34.06
N ASP A 683 14.71 26.43 -33.70
CA ASP A 683 14.02 26.90 -32.50
C ASP A 683 12.52 26.95 -32.67
N ALA A 684 12.01 26.87 -33.91
CA ALA A 684 10.57 26.81 -34.12
C ALA A 684 9.99 25.49 -33.63
N MET A 685 10.80 24.42 -33.65
CA MET A 685 10.35 23.14 -33.11
C MET A 685 10.25 23.18 -31.59
N ARG A 686 11.20 23.84 -30.93
CA ARG A 686 11.30 23.76 -29.48
C ARG A 686 10.20 24.55 -28.79
N HIS A 687 9.93 25.77 -29.26
CA HIS A 687 8.89 26.58 -28.62
C HIS A 687 7.48 26.14 -29.00
N GLU A 688 7.33 25.34 -30.04
CA GLU A 688 6.06 24.70 -30.36
C GLU A 688 5.88 23.38 -29.63
N ALA A 689 6.92 22.88 -28.97
CA ALA A 689 6.87 21.60 -28.29
C ALA A 689 6.44 21.80 -26.82
N LEU A 690 6.60 20.77 -26.01
CA LEU A 690 6.23 20.81 -24.60
C LEU A 690 7.46 21.10 -23.76
N ASN A 691 7.39 22.14 -22.93
CA ASN A 691 8.43 22.42 -21.97
C ASN A 691 8.36 21.42 -20.82
N ASP A 692 9.35 21.49 -19.92
CA ASP A 692 9.42 20.55 -18.80
C ASP A 692 8.24 20.72 -17.85
N MET A 693 7.89 21.97 -17.53
CA MET A 693 6.69 22.23 -16.74
C MET A 693 5.43 21.86 -17.52
N GLU A 694 5.43 22.12 -18.83
CA GLU A 694 4.30 21.72 -19.67
C GLU A 694 4.22 20.22 -19.80
N TYR A 695 5.37 19.52 -19.83
CA TYR A 695 5.36 18.06 -19.79
C TYR A 695 4.78 17.54 -18.49
N MET A 696 5.18 18.14 -17.36
CA MET A 696 4.66 17.70 -16.06
C MET A 696 3.17 17.94 -15.95
N ASP A 697 2.69 19.08 -16.46
CA ASP A 697 1.26 19.36 -16.50
C ASP A 697 0.52 18.38 -17.40
N THR A 698 1.10 18.05 -18.56
CA THR A 698 0.49 17.10 -19.48
C THR A 698 0.38 15.71 -18.86
N PHE A 699 1.44 15.26 -18.20
CA PHE A 699 1.42 13.95 -17.56
C PHE A 699 0.45 13.92 -16.39
N GLU A 700 0.38 15.01 -15.62
CA GLU A 700 -0.56 15.08 -14.51
C GLU A 700 -2.01 15.08 -14.98
N TYR A 701 -2.32 15.83 -16.04
CA TYR A 701 -3.70 15.89 -16.50
C TYR A 701 -4.08 14.67 -17.34
N LEU A 702 -3.10 13.91 -17.83
CA LEU A 702 -3.40 12.68 -18.54
C LEU A 702 -3.53 11.49 -17.62
N ARG A 703 -2.73 11.46 -16.54
CA ARG A 703 -2.83 10.40 -15.54
C ARG A 703 -4.19 10.42 -14.83
N TYR A 704 -4.72 11.61 -14.59
CA TYR A 704 -5.97 11.77 -13.87
C TYR A 704 -6.98 12.45 -14.79
N TYR A 705 -7.10 11.90 -16.01
CA TYR A 705 -7.95 12.48 -17.05
C TYR A 705 -9.42 12.49 -16.65
N GLY A 706 -9.87 11.53 -15.85
CA GLY A 706 -11.23 11.54 -15.38
C GLY A 706 -11.52 12.62 -14.35
N ARG A 707 -10.50 13.06 -13.63
CA ARG A 707 -10.64 14.09 -12.61
C ARG A 707 -10.41 15.48 -13.18
N TYR A 708 -9.38 15.64 -14.01
CA TYR A 708 -8.94 16.93 -14.51
C TYR A 708 -9.56 17.29 -15.86
N ARG A 709 -10.68 16.66 -16.22
CA ARG A 709 -11.23 16.89 -17.56
C ARG A 709 -11.92 18.24 -17.68
N GLU A 710 -12.70 18.64 -16.69
CA GLU A 710 -13.55 19.82 -16.79
C GLU A 710 -12.93 21.07 -16.19
N THR A 711 -11.69 21.01 -15.73
CA THR A 711 -11.08 22.19 -15.13
C THR A 711 -10.65 23.17 -16.22
N GLU A 712 -10.29 24.39 -15.80
CA GLU A 712 -9.87 25.41 -16.76
C GLU A 712 -8.47 25.16 -17.29
N GLU A 713 -7.61 24.50 -16.51
CA GLU A 713 -6.24 24.25 -16.95
C GLU A 713 -6.18 23.25 -18.09
N PHE A 714 -7.12 22.29 -18.10
CA PHE A 714 -7.17 21.29 -19.16
C PHE A 714 -7.43 21.92 -20.53
N LYS A 715 -8.48 22.74 -20.62
CA LYS A 715 -8.76 23.44 -21.86
C LYS A 715 -7.79 24.59 -22.11
N LYS A 716 -7.12 25.07 -21.05
CA LYS A 716 -6.14 26.14 -21.23
C LYS A 716 -4.86 25.61 -21.89
N ILE A 717 -4.45 24.38 -21.56
CA ILE A 717 -3.21 23.85 -22.10
C ILE A 717 -3.40 22.85 -23.23
N PHE A 718 -4.62 22.33 -23.43
CA PHE A 718 -4.84 21.31 -24.44
C PHE A 718 -5.59 21.84 -25.66
N PHE A 719 -6.78 22.40 -25.47
CA PHE A 719 -7.60 22.84 -26.60
C PHE A 719 -7.22 24.23 -27.10
N GLU A 720 -6.45 24.98 -26.31
CA GLU A 720 -5.86 26.24 -26.75
C GLU A 720 -4.40 26.24 -26.30
N ASP A 721 -3.60 27.16 -26.86
CA ASP A 721 -2.17 27.30 -26.47
C ASP A 721 -1.27 26.19 -26.99
N LYS A 722 -1.86 25.07 -27.37
CA LYS A 722 -1.09 23.92 -27.84
C LYS A 722 -1.88 23.11 -28.87
N LYS A 723 -2.75 23.77 -29.64
CA LYS A 723 -3.61 23.07 -30.59
C LYS A 723 -2.83 22.49 -31.75
N LEU A 724 -1.66 23.05 -32.07
CA LEU A 724 -0.89 22.55 -33.20
C LEU A 724 -0.17 21.26 -32.86
N TYR A 725 0.33 21.14 -31.62
CA TYR A 725 1.03 19.94 -31.21
C TYR A 725 0.06 18.78 -30.99
N PHE A 726 -1.06 19.03 -30.32
CA PHE A 726 -2.00 17.98 -29.95
C PHE A 726 -3.06 17.72 -31.01
N SER A 727 -2.78 18.06 -32.27
CA SER A 727 -3.79 17.98 -33.32
C SER A 727 -4.41 16.60 -33.57
N PRO A 728 -3.70 15.47 -33.61
CA PRO A 728 -4.39 14.20 -33.94
C PRO A 728 -5.32 13.67 -32.87
N ILE A 729 -5.29 14.19 -31.64
CA ILE A 729 -6.06 13.61 -30.55
C ILE A 729 -7.23 14.47 -30.09
N LEU A 730 -7.26 15.77 -30.43
CA LEU A 730 -8.35 16.63 -29.98
C LEU A 730 -9.67 16.30 -30.65
N LYS A 731 -9.66 15.65 -31.82
CA LYS A 731 -10.90 15.26 -32.47
C LYS A 731 -11.61 14.15 -31.69
N ALA A 732 -10.84 13.19 -31.17
CA ALA A 732 -11.41 12.08 -30.42
C ALA A 732 -11.43 12.31 -28.92
N MET A 733 -10.90 13.44 -28.44
CA MET A 733 -10.90 13.70 -27.01
C MET A 733 -12.21 14.28 -26.51
N LYS A 734 -13.15 14.59 -27.40
CA LYS A 734 -14.44 15.12 -27.01
C LYS A 734 -15.50 14.04 -26.85
N GLN A 735 -15.15 12.78 -27.02
CA GLN A 735 -16.11 11.69 -26.95
C GLN A 735 -15.85 10.73 -25.81
N LEU A 736 -14.61 10.25 -25.65
CA LEU A 736 -14.28 9.29 -24.61
C LEU A 736 -13.79 9.98 -23.35
N ASP A 737 -14.11 9.40 -22.20
CA ASP A 737 -13.84 10.03 -20.92
C ASP A 737 -12.96 9.17 -20.01
N SER A 738 -11.88 8.61 -20.54
CA SER A 738 -10.97 7.81 -19.74
C SER A 738 -9.58 7.82 -20.36
N LEU A 739 -8.59 7.44 -19.57
CA LEU A 739 -7.24 7.23 -20.09
C LEU A 739 -7.21 6.08 -21.08
N GLU A 740 -7.95 5.01 -20.82
CA GLU A 740 -8.05 3.89 -21.75
C GLU A 740 -8.80 4.28 -23.02
N GLY A 741 -9.64 5.32 -22.96
CA GLY A 741 -10.30 5.78 -24.16
C GLY A 741 -9.35 6.43 -25.15
N VAL A 742 -8.38 7.19 -24.65
CA VAL A 742 -7.49 7.95 -25.53
C VAL A 742 -6.20 7.18 -25.75
N PHE A 743 -6.19 5.90 -25.38
CA PHE A 743 -5.02 5.05 -25.60
C PHE A 743 -5.18 4.13 -26.81
N ASN A 744 -6.35 3.51 -26.97
CA ASN A 744 -6.55 2.59 -28.10
C ASN A 744 -6.58 3.34 -29.43
N PHE A 745 -7.16 4.55 -29.43
CA PHE A 745 -7.17 5.38 -30.63
C PHE A 745 -5.75 5.80 -31.01
N ALA A 746 -4.92 6.15 -30.03
CA ALA A 746 -3.56 6.59 -30.32
C ALA A 746 -2.68 5.45 -30.83
N ILE A 747 -2.80 4.26 -30.23
CA ILE A 747 -2.00 3.14 -30.71
C ILE A 747 -2.49 2.66 -32.07
N THR A 748 -3.80 2.74 -32.34
CA THR A 748 -4.31 2.40 -33.66
C THR A 748 -3.83 3.40 -34.71
N GLY A 749 -3.78 4.67 -34.36
CA GLY A 749 -3.24 5.67 -35.26
C GLY A 749 -1.75 5.49 -35.50
N PHE A 750 -1.01 5.08 -34.47
CA PHE A 750 0.42 4.81 -34.63
C PHE A 750 0.66 3.63 -35.57
N LEU A 751 -0.11 2.56 -35.39
CA LEU A 751 0.03 1.39 -36.27
C LEU A 751 -0.35 1.73 -37.71
N ASN A 752 -1.43 2.51 -37.89
CA ASN A 752 -1.84 2.93 -39.23
C ASN A 752 -0.79 3.84 -39.87
N TYR A 753 -0.19 4.73 -39.08
CA TYR A 753 0.81 5.64 -39.64
C TYR A 753 2.09 4.90 -40.03
N LEU A 754 2.53 3.96 -39.19
CA LEU A 754 3.72 3.18 -39.54
C LEU A 754 3.48 2.31 -40.76
N LYS A 755 2.28 1.70 -40.87
CA LYS A 755 1.93 0.94 -42.07
C LYS A 755 1.84 1.84 -43.30
N GLY A 756 1.40 3.09 -43.13
CA GLY A 756 1.33 4.01 -44.24
C GLY A 756 2.68 4.45 -44.75
N ILE A 757 3.59 4.81 -43.83
CA ILE A 757 4.90 5.32 -44.26
C ILE A 757 5.94 4.22 -44.44
N GLN A 758 5.60 2.96 -44.17
CA GLN A 758 6.51 1.86 -44.48
C GLN A 758 6.67 1.66 -45.99
N SER A 759 5.63 1.95 -46.76
CA SER A 759 5.64 1.70 -48.19
C SER A 759 6.14 2.90 -49.01
N LYS A 760 6.55 3.98 -48.37
CA LYS A 760 6.98 5.19 -49.05
C LYS A 760 8.42 5.55 -48.70
N VAL A 761 9.32 4.56 -48.72
CA VAL A 761 10.70 4.77 -48.30
C VAL A 761 11.54 4.57 -49.56
N THR A 762 11.00 5.04 -50.68
CA THR A 762 11.73 5.03 -51.94
C THR A 762 12.94 5.98 -51.88
N ASP A 763 13.80 5.87 -52.90
CA ASP A 763 15.09 6.55 -52.89
C ASP A 763 14.96 8.07 -52.92
N GLU A 764 13.86 8.58 -53.48
CA GLU A 764 13.61 10.02 -53.42
C GLU A 764 13.32 10.47 -51.99
N ASN A 765 12.55 9.68 -51.25
CA ASN A 765 12.20 9.99 -49.87
C ASN A 765 13.14 9.29 -48.89
N THR A 766 14.44 9.58 -49.05
CA THR A 766 15.46 9.05 -48.15
C THR A 766 15.77 10.03 -47.04
N ASN A 767 16.00 11.30 -47.38
CA ASN A 767 16.13 12.36 -46.40
C ASN A 767 14.79 12.72 -45.75
N LYS A 768 13.68 12.28 -46.34
CA LYS A 768 12.35 12.53 -45.79
C LYS A 768 12.16 11.83 -44.44
N TYR A 769 12.70 10.62 -44.29
CA TYR A 769 12.54 9.82 -43.09
C TYR A 769 13.88 9.64 -42.39
N GLY A 770 14.65 10.72 -42.31
CA GLY A 770 15.98 10.72 -41.75
C GLY A 770 16.01 11.25 -40.34
N LYS A 771 16.29 12.55 -40.19
CA LYS A 771 16.41 13.18 -38.87
C LYS A 771 15.11 13.19 -38.09
N VAL A 772 13.97 12.94 -38.74
CA VAL A 772 12.71 12.78 -38.01
C VAL A 772 12.74 11.49 -37.19
N PHE A 773 13.35 10.43 -37.72
CA PHE A 773 13.44 9.15 -37.02
C PHE A 773 14.67 9.02 -36.15
N LYS A 774 15.59 10.00 -36.21
CA LYS A 774 16.84 10.03 -35.43
C LYS A 774 17.69 8.79 -35.68
N VAL A 775 17.81 8.39 -36.95
CA VAL A 775 18.60 7.22 -37.32
C VAL A 775 20.01 7.69 -37.67
N THR A 776 20.99 7.17 -36.94
CA THR A 776 22.38 7.57 -37.08
C THR A 776 23.25 6.33 -37.14
N GLY A 777 24.34 6.41 -37.91
CA GLY A 777 25.28 5.31 -38.00
C GLY A 777 26.29 5.28 -36.88
N LYS A 778 27.56 5.04 -37.21
CA LYS A 778 28.61 4.95 -36.21
C LYS A 778 29.11 6.34 -35.83
N SER A 779 30.12 6.37 -34.97
CA SER A 779 30.61 7.61 -34.39
C SER A 779 31.66 8.25 -35.30
N LEU A 780 32.32 9.29 -34.80
CA LEU A 780 33.35 10.01 -35.52
C LEU A 780 34.70 9.84 -34.81
N THR A 781 35.75 9.77 -35.63
CA THR A 781 37.11 9.60 -35.10
C THR A 781 37.54 10.81 -34.29
N SER A 782 37.20 12.01 -34.75
CA SER A 782 37.50 13.23 -34.00
C SER A 782 36.69 13.33 -32.70
N LYS A 783 35.57 12.62 -32.61
CA LYS A 783 34.76 12.59 -31.39
C LYS A 783 35.19 11.43 -30.49
N ILE A 784 36.44 11.49 -30.06
CA ILE A 784 37.01 10.53 -29.11
C ILE A 784 37.58 11.26 -27.89
N GLY A 785 38.35 12.33 -28.12
CA GLY A 785 38.92 13.08 -27.02
C GLY A 785 37.87 13.81 -26.18
N HIS A 786 36.80 14.28 -26.82
CA HIS A 786 35.69 14.85 -26.06
C HIS A 786 34.92 13.78 -25.31
N HIS A 787 34.82 12.57 -25.88
CA HIS A 787 34.12 11.50 -25.20
C HIS A 787 34.94 10.95 -24.04
N SER A 788 36.28 11.03 -24.13
CA SER A 788 37.12 10.49 -23.08
C SER A 788 37.08 11.34 -21.82
N GLU A 789 36.67 12.61 -21.93
CA GLU A 789 36.53 13.43 -20.74
C GLU A 789 35.15 13.32 -20.10
N MET A 790 34.20 12.64 -20.76
CA MET A 790 32.86 12.47 -20.21
C MET A 790 32.46 11.02 -19.99
N PHE A 791 33.11 10.07 -20.65
CA PHE A 791 32.96 8.66 -20.32
C PHE A 791 33.91 8.20 -19.23
N SER A 792 34.83 9.07 -18.81
CA SER A 792 35.79 8.71 -17.77
C SER A 792 35.11 8.59 -16.42
N VAL A 793 34.58 9.70 -15.92
CA VAL A 793 33.62 9.63 -14.82
C VAL A 793 32.31 9.11 -15.39
N ASN A 794 31.55 8.41 -14.56
CA ASN A 794 30.23 7.86 -14.87
C ASN A 794 30.34 6.85 -16.02
N HIS A 795 31.05 5.76 -15.73
CA HIS A 795 31.07 4.58 -16.57
C HIS A 795 30.35 3.46 -15.82
N CYS A 796 30.43 2.25 -16.35
CA CYS A 796 29.72 1.12 -15.77
C CYS A 796 30.68 -0.02 -15.44
N VAL A 797 30.23 -0.91 -14.57
CA VAL A 797 31.01 -2.02 -14.04
C VAL A 797 30.48 -3.32 -14.63
N PRO A 798 31.28 -4.08 -15.37
CA PRO A 798 30.80 -5.35 -15.92
C PRO A 798 30.68 -6.41 -14.84
N GLN A 799 29.94 -7.47 -15.16
CA GLN A 799 29.61 -8.50 -14.17
C GLN A 799 30.79 -9.41 -13.86
N GLU A 800 31.78 -9.49 -14.74
CA GLU A 800 32.87 -10.45 -14.58
C GLU A 800 34.18 -9.77 -14.18
N LEU A 801 34.08 -8.70 -13.40
CA LEU A 801 35.27 -8.03 -12.87
C LEU A 801 36.02 -8.92 -11.88
N ILE A 802 35.29 -9.64 -11.04
CA ILE A 802 35.90 -10.55 -10.08
C ILE A 802 35.82 -11.97 -10.62
N LYS A 803 36.84 -12.76 -10.28
CA LYS A 803 37.01 -14.09 -10.85
C LYS A 803 36.97 -15.14 -9.74
N LEU A 804 36.15 -16.16 -9.94
CA LEU A 804 36.03 -17.27 -8.99
C LEU A 804 37.06 -18.35 -9.34
N ASN A 805 38.33 -18.02 -9.06
CA ASN A 805 39.42 -18.94 -9.35
C ASN A 805 39.80 -19.79 -8.13
N ASP A 806 40.04 -19.14 -7.00
CA ASP A 806 40.44 -19.85 -5.79
C ASP A 806 39.21 -20.12 -4.90
N ILE A 807 38.31 -20.93 -5.44
CA ILE A 807 37.17 -21.45 -4.71
C ILE A 807 37.23 -22.96 -4.81
N LYS A 808 37.08 -23.64 -3.67
CA LYS A 808 37.21 -25.09 -3.59
C LYS A 808 36.16 -25.81 -4.43
N GLY A 809 36.61 -26.45 -5.51
CA GLY A 809 35.73 -27.10 -6.46
C GLY A 809 35.73 -26.48 -7.84
N TYR A 810 36.50 -25.41 -8.07
CA TYR A 810 36.48 -24.75 -9.37
C TYR A 810 37.22 -25.57 -10.43
N MET A 811 38.41 -26.08 -10.07
CA MET A 811 39.21 -26.81 -11.04
C MET A 811 38.59 -28.16 -11.38
N LYS A 812 38.00 -28.83 -10.39
CA LYS A 812 37.30 -30.08 -10.66
C LYS A 812 36.07 -29.86 -11.53
N TRP A 813 35.34 -28.77 -11.31
CA TRP A 813 34.20 -28.44 -12.15
C TRP A 813 34.62 -28.14 -13.58
N LYS A 814 35.73 -27.40 -13.74
CA LYS A 814 36.22 -27.08 -15.08
C LYS A 814 36.75 -28.33 -15.78
N HIS A 815 37.29 -29.29 -15.03
CA HIS A 815 37.74 -30.53 -15.65
C HIS A 815 36.56 -31.43 -16.01
N GLU A 816 35.50 -31.43 -15.19
CA GLU A 816 34.36 -32.30 -15.45
C GLU A 816 33.52 -31.78 -16.60
N THR A 817 33.31 -30.46 -16.68
CA THR A 817 32.52 -29.87 -17.75
C THR A 817 33.49 -29.29 -18.78
N LYS A 818 33.88 -30.11 -19.74
CA LYS A 818 34.79 -29.70 -20.80
C LYS A 818 34.18 -29.69 -22.18
N ASP A 819 33.18 -30.52 -22.44
CA ASP A 819 32.45 -30.48 -23.71
C ASP A 819 31.25 -29.55 -23.63
N LYS A 820 31.46 -28.34 -23.09
CA LYS A 820 30.46 -27.28 -23.00
C LYS A 820 31.20 -26.00 -23.39
N LEU A 821 31.13 -25.64 -24.66
CA LEU A 821 31.89 -24.50 -25.16
C LEU A 821 31.28 -23.16 -24.78
N TRP A 822 30.02 -23.13 -24.35
CA TRP A 822 29.31 -21.89 -24.06
C TRP A 822 28.98 -21.78 -22.57
N ILE A 823 29.94 -22.11 -21.72
CA ILE A 823 29.71 -22.16 -20.29
C ILE A 823 30.25 -20.88 -19.65
N SER A 824 29.76 -20.59 -18.43
CA SER A 824 30.12 -19.38 -17.71
C SER A 824 30.21 -19.69 -16.22
N ASP A 825 30.47 -18.65 -15.43
CA ASP A 825 30.62 -18.82 -13.99
C ASP A 825 29.28 -19.06 -13.28
N PHE A 826 28.17 -18.71 -13.93
CA PHE A 826 26.86 -18.95 -13.32
C PHE A 826 26.54 -20.43 -13.24
N ALA A 827 27.09 -21.24 -14.15
CA ALA A 827 26.97 -22.69 -14.02
C ALA A 827 27.73 -23.20 -12.80
N PHE A 828 28.89 -22.61 -12.52
CA PHE A 828 29.65 -22.97 -11.33
C PHE A 828 28.91 -22.58 -10.05
N ILE A 829 28.30 -21.40 -10.05
CA ILE A 829 27.49 -20.95 -8.91
C ILE A 829 26.29 -21.88 -8.71
N ARG A 830 25.67 -22.29 -9.81
CA ARG A 830 24.56 -23.25 -9.76
C ARG A 830 25.00 -24.59 -9.17
N ASN A 831 26.17 -25.09 -9.61
CA ASN A 831 26.68 -26.37 -9.11
C ASN A 831 27.01 -26.30 -7.63
N VAL A 832 27.63 -25.20 -7.18
CA VAL A 832 28.01 -25.07 -5.78
C VAL A 832 26.77 -24.95 -4.90
N LEU A 833 25.82 -24.10 -5.27
CA LEU A 833 24.64 -23.93 -4.45
C LEU A 833 23.63 -25.05 -4.61
N GLU A 834 23.79 -25.92 -5.60
CA GLU A 834 23.01 -27.14 -5.67
C GLU A 834 23.66 -28.31 -4.96
N SER A 835 24.97 -28.21 -4.69
CA SER A 835 25.61 -29.20 -3.83
C SER A 835 25.06 -29.14 -2.41
N ARG A 836 24.78 -27.93 -1.91
CA ARG A 836 24.19 -27.76 -0.59
C ARG A 836 22.72 -28.16 -0.54
N GLY A 837 22.07 -28.33 -1.68
CA GLY A 837 20.67 -28.72 -1.71
C GLY A 837 19.74 -27.54 -1.59
N GLY A 838 18.77 -27.47 -2.49
CA GLY A 838 17.81 -26.37 -2.46
C GLY A 838 16.97 -26.27 -3.72
N PHE A 839 15.71 -25.87 -3.57
CA PHE A 839 14.84 -25.69 -4.72
C PHE A 839 15.20 -24.42 -5.46
N SER A 840 14.78 -24.36 -6.73
CA SER A 840 15.22 -23.28 -7.59
C SER A 840 14.16 -22.74 -8.54
N ASN A 841 12.91 -23.18 -8.44
CA ASN A 841 11.73 -22.77 -9.20
C ASN A 841 11.81 -23.07 -10.70
N THR A 842 12.91 -23.65 -11.18
CA THR A 842 13.09 -23.98 -12.58
C THR A 842 13.18 -25.47 -12.82
N ASP A 843 13.57 -26.24 -11.80
CA ASP A 843 13.53 -27.69 -11.90
C ASP A 843 12.10 -28.18 -12.07
N TYR A 844 11.15 -27.54 -11.40
CA TYR A 844 9.74 -27.85 -11.61
C TYR A 844 9.27 -27.39 -12.99
N LEU A 845 9.86 -26.31 -13.52
CA LEU A 845 9.45 -25.79 -14.81
C LEU A 845 9.94 -26.64 -15.97
N MET A 846 11.06 -27.36 -15.81
CA MET A 846 11.60 -28.19 -16.88
C MET A 846 11.67 -29.67 -16.51
N LYS A 847 10.85 -30.13 -15.58
CA LYS A 847 10.73 -31.56 -15.35
C LYS A 847 9.30 -32.03 -15.10
N GLU A 848 8.32 -31.14 -15.05
CA GLU A 848 6.94 -31.55 -14.82
C GLU A 848 5.92 -30.89 -15.74
N VAL A 849 6.22 -29.73 -16.34
CA VAL A 849 5.26 -29.06 -17.20
C VAL A 849 5.83 -28.96 -18.61
N MET A 850 7.17 -28.87 -18.72
CA MET A 850 7.81 -28.69 -20.02
C MET A 850 7.65 -29.88 -20.97
N PRO A 851 7.83 -31.15 -20.57
CA PRO A 851 7.63 -32.24 -21.55
C PRO A 851 6.19 -32.45 -22.00
N LEU A 852 5.21 -31.80 -21.37
CA LEU A 852 3.82 -31.92 -21.81
C LEU A 852 3.48 -31.04 -23.00
N ILE A 853 4.34 -30.08 -23.34
CA ILE A 853 4.04 -29.07 -24.36
C ILE A 853 4.85 -29.37 -25.62
N THR A 854 4.20 -29.21 -26.78
CA THR A 854 4.84 -29.37 -28.07
C THR A 854 5.19 -27.98 -28.62
N PHE A 855 6.40 -27.84 -29.13
CA PHE A 855 6.90 -26.56 -29.60
C PHE A 855 7.06 -26.56 -31.12
N GLU A 856 6.77 -25.43 -31.74
CA GLU A 856 6.92 -25.29 -33.18
C GLU A 856 8.40 -25.06 -33.46
N LYS A 857 8.92 -25.75 -34.48
CA LYS A 857 10.35 -25.85 -34.67
C LYS A 857 10.91 -24.59 -35.35
N ASN A 858 12.13 -24.71 -35.87
CA ASN A 858 12.80 -23.69 -36.66
C ASN A 858 13.10 -24.30 -38.04
N GLU A 859 13.89 -23.58 -38.84
CA GLU A 859 14.32 -24.12 -40.12
C GLU A 859 15.28 -25.29 -39.95
N LYS A 860 16.10 -25.27 -38.91
CA LYS A 860 16.97 -26.41 -38.62
C LYS A 860 16.82 -26.92 -37.19
N GLY A 861 16.61 -26.03 -36.23
CA GLY A 861 16.48 -26.46 -34.84
C GLY A 861 15.11 -27.00 -34.54
N SER A 862 15.06 -27.90 -33.55
CA SER A 862 13.79 -28.51 -33.15
C SER A 862 12.92 -27.56 -32.35
N ILE A 863 13.52 -26.56 -31.69
CA ILE A 863 12.79 -25.52 -30.98
C ILE A 863 13.23 -24.17 -31.53
N LYS A 864 12.28 -23.28 -31.78
CA LYS A 864 12.63 -21.92 -32.17
C LYS A 864 13.03 -21.11 -30.95
N GLY A 865 13.94 -20.16 -31.16
CA GLY A 865 14.38 -19.28 -30.10
C GLY A 865 15.12 -19.93 -28.96
N ASN A 866 16.10 -20.78 -29.27
CA ASN A 866 16.80 -21.55 -28.25
C ASN A 866 17.66 -20.66 -27.35
N THR A 867 18.45 -19.76 -27.93
CA THR A 867 19.45 -19.00 -27.19
C THR A 867 18.86 -18.02 -26.19
N GLN A 868 17.57 -17.69 -26.31
CA GLN A 868 16.89 -16.88 -25.31
C GLN A 868 15.90 -17.67 -24.49
N MET A 869 15.72 -18.96 -24.78
CA MET A 869 14.82 -19.79 -23.99
C MET A 869 15.50 -20.31 -22.73
N PHE A 870 16.62 -21.02 -22.90
CA PHE A 870 17.28 -21.66 -21.75
C PHE A 870 17.99 -20.64 -20.89
N VAL A 871 18.63 -19.63 -21.51
CA VAL A 871 19.47 -18.67 -20.79
C VAL A 871 18.66 -17.91 -19.76
N ALA A 872 17.49 -17.41 -20.17
CA ALA A 872 16.58 -16.75 -19.25
C ALA A 872 16.14 -17.69 -18.14
N LEU A 873 15.89 -18.96 -18.48
CA LEU A 873 15.58 -19.97 -17.47
C LEU A 873 16.74 -20.12 -16.49
N SER A 874 17.96 -20.17 -17.00
CA SER A 874 19.12 -20.20 -16.13
C SER A 874 19.23 -18.90 -15.35
N ARG A 875 18.87 -17.78 -15.98
CA ARG A 875 18.84 -16.51 -15.28
C ARG A 875 17.80 -16.48 -14.18
N ASN A 876 16.75 -17.29 -14.30
CA ASN A 876 15.87 -17.49 -13.15
C ASN A 876 16.56 -18.33 -12.09
N LYS A 877 17.14 -19.46 -12.51
CA LYS A 877 17.35 -20.59 -11.62
C LYS A 877 18.36 -20.27 -10.52
N THR A 878 19.56 -19.85 -10.93
CA THR A 878 20.59 -19.50 -9.96
C THR A 878 20.18 -18.32 -9.08
N ASN A 879 19.32 -17.42 -9.62
CA ASN A 879 18.82 -16.33 -8.81
C ASN A 879 17.99 -16.84 -7.65
N GLU A 880 17.14 -17.85 -7.91
CA GLU A 880 16.42 -18.48 -6.82
C GLU A 880 17.39 -19.20 -5.88
N LEU A 881 18.42 -19.83 -6.45
CA LEU A 881 19.44 -20.47 -5.63
C LEU A 881 20.27 -19.45 -4.87
N MET A 882 20.26 -18.19 -5.30
CA MET A 882 20.82 -17.16 -4.45
C MET A 882 19.91 -16.86 -3.28
N LEU A 883 18.62 -16.68 -3.55
CA LEU A 883 17.74 -15.94 -2.64
C LEU A 883 17.50 -16.71 -1.35
N TRP A 884 17.19 -18.00 -1.46
CA TRP A 884 16.98 -18.83 -0.28
C TRP A 884 18.23 -18.93 0.57
N GLU A 885 19.41 -18.87 -0.06
CA GLU A 885 20.66 -18.85 0.69
C GLU A 885 20.72 -17.64 1.62
N ILE A 886 20.32 -16.47 1.10
CA ILE A 886 20.20 -15.28 1.94
C ILE A 886 19.17 -15.51 3.04
N GLY A 887 18.04 -16.13 2.67
CA GLY A 887 17.03 -16.45 3.67
C GLY A 887 17.53 -17.39 4.73
N LYS A 888 18.41 -18.33 4.33
CA LYS A 888 18.99 -19.26 5.30
C LYS A 888 19.83 -18.51 6.32
N TYR A 889 20.54 -17.46 5.86
CA TYR A 889 21.33 -16.65 6.76
C TYR A 889 20.45 -15.97 7.80
N TYR A 890 19.25 -15.56 7.41
CA TYR A 890 18.37 -14.90 8.36
C TYR A 890 17.82 -15.88 9.38
N TRP A 891 17.71 -17.16 9.01
CA TRP A 891 17.35 -18.17 10.00
C TRP A 891 18.44 -18.31 11.05
N LYS A 892 19.71 -18.15 10.64
CA LYS A 892 20.80 -18.11 11.61
C LYS A 892 20.66 -16.91 12.54
N GLU A 893 20.09 -15.81 12.06
CA GLU A 893 19.82 -14.67 12.91
C GLU A 893 18.48 -14.76 13.62
N ALA A 894 17.68 -15.81 13.34
CA ALA A 894 16.35 -15.91 13.92
C ALA A 894 16.31 -16.82 15.14
N THR A 895 16.74 -18.07 14.98
CA THR A 895 16.67 -19.06 16.04
C THR A 895 18.01 -19.35 16.69
N GLY A 896 19.12 -18.94 16.06
CA GLY A 896 20.43 -19.24 16.58
C GLY A 896 20.99 -20.57 16.13
N SER A 897 20.24 -21.36 15.38
CA SER A 897 20.70 -22.65 14.88
C SER A 897 20.61 -22.66 13.35
N GLU A 898 21.38 -23.56 12.75
CA GLU A 898 21.43 -23.71 11.31
C GLU A 898 20.14 -24.32 10.78
N PHE A 899 19.90 -24.12 9.49
CA PHE A 899 18.75 -24.73 8.82
C PHE A 899 19.12 -26.15 8.42
N SER A 900 18.50 -27.14 9.06
CA SER A 900 18.87 -28.53 8.89
C SER A 900 17.82 -29.35 8.14
N ARG A 901 16.83 -28.70 7.54
CA ARG A 901 15.80 -29.42 6.82
C ARG A 901 16.34 -29.92 5.48
N LEU A 902 16.07 -31.18 5.17
CA LEU A 902 16.52 -31.79 3.93
C LEU A 902 15.45 -31.62 2.85
N PHE A 903 15.89 -31.30 1.64
CA PHE A 903 15.00 -31.06 0.50
C PHE A 903 15.21 -32.15 -0.53
N LYS A 904 14.11 -32.72 -1.01
CA LYS A 904 14.18 -33.78 -2.00
C LYS A 904 14.46 -33.21 -3.39
N GLY A 905 14.78 -34.10 -4.32
CA GLY A 905 15.03 -33.73 -5.69
C GLY A 905 13.78 -33.80 -6.56
N LEU A 906 14.00 -33.90 -7.86
CA LEU A 906 12.91 -33.94 -8.83
C LEU A 906 13.24 -34.91 -9.95
N GLU A 907 12.19 -35.42 -10.60
CA GLU A 907 12.32 -36.33 -11.71
C GLU A 907 11.47 -35.84 -12.88
N LYS A 908 11.76 -36.39 -14.07
CA LYS A 908 10.99 -36.03 -15.24
C LYS A 908 9.59 -36.61 -15.17
N ASN A 909 8.64 -35.91 -15.80
CA ASN A 909 7.24 -36.31 -15.71
C ASN A 909 6.96 -37.53 -16.58
N THR A 910 7.18 -37.40 -17.90
CA THR A 910 6.98 -38.45 -18.90
C THR A 910 5.58 -39.05 -18.85
N GLY A 911 4.58 -38.17 -18.75
CA GLY A 911 3.20 -38.62 -18.66
C GLY A 911 2.28 -37.70 -19.42
N ASN A 912 1.02 -38.16 -19.55
CA ASN A 912 0.03 -37.39 -20.30
C ASN A 912 -0.42 -36.14 -19.56
N LYS A 913 -0.49 -36.20 -18.23
CA LYS A 913 -0.97 -35.10 -17.41
C LYS A 913 0.14 -34.63 -16.47
N ILE A 914 -0.22 -33.76 -15.53
CA ILE A 914 0.68 -33.23 -14.53
C ILE A 914 0.27 -33.78 -13.17
N THR A 915 1.22 -34.38 -12.46
CA THR A 915 0.92 -35.09 -11.22
C THR A 915 1.51 -34.45 -9.97
N LYS A 916 2.64 -33.76 -10.06
CA LYS A 916 3.29 -33.17 -8.89
C LYS A 916 2.77 -31.75 -8.71
N ALA A 917 2.03 -31.53 -7.62
CA ALA A 917 1.45 -30.23 -7.34
C ALA A 917 2.52 -29.24 -6.90
N TYR A 918 2.32 -27.97 -7.27
CA TYR A 918 3.28 -26.93 -6.90
C TYR A 918 3.23 -26.65 -5.41
N ARG A 919 2.04 -26.68 -4.82
CA ARG A 919 1.89 -26.38 -3.40
C ARG A 919 2.34 -27.53 -2.50
N PHE A 920 2.63 -28.70 -3.07
CA PHE A 920 3.12 -29.84 -2.31
C PHE A 920 4.55 -30.23 -2.65
N THR A 921 5.13 -29.69 -3.73
CA THR A 921 6.49 -30.00 -4.10
C THR A 921 7.45 -28.83 -3.95
N ASN A 922 6.97 -27.60 -3.96
CA ASN A 922 7.82 -26.48 -3.59
C ASN A 922 8.02 -26.49 -2.09
N PRO A 923 9.25 -26.59 -1.59
CA PRO A 923 9.44 -26.63 -0.13
C PRO A 923 9.20 -25.29 0.54
N TYR A 924 9.47 -24.18 -0.13
CA TYR A 924 9.25 -22.86 0.46
C TYR A 924 7.77 -22.58 0.70
N TYR A 925 6.90 -23.06 -0.18
CA TYR A 925 5.47 -22.92 0.05
C TYR A 925 5.00 -23.80 1.19
N THR A 926 5.69 -24.90 1.47
CA THR A 926 5.33 -25.70 2.63
C THR A 926 5.84 -25.06 3.92
N ILE A 927 7.02 -24.43 3.88
CA ILE A 927 7.51 -23.73 5.07
C ILE A 927 6.67 -22.50 5.37
N TYR A 928 6.09 -21.87 4.33
CA TYR A 928 5.30 -20.66 4.51
C TYR A 928 3.98 -20.89 5.25
N GLN A 929 3.55 -22.14 5.42
CA GLN A 929 2.29 -22.43 6.08
C GLN A 929 2.46 -23.06 7.46
N GLU A 930 3.67 -23.11 8.00
CA GLU A 930 3.94 -23.87 9.24
C GLU A 930 4.66 -22.98 10.26
N ASP A 931 3.89 -22.18 11.00
CA ASP A 931 4.25 -21.56 12.27
C ASP A 931 5.42 -20.58 12.25
N LEU A 932 5.61 -19.89 13.37
CA LEU A 932 6.75 -19.00 13.60
C LEU A 932 6.90 -18.83 15.11
N ASP A 933 8.02 -18.23 15.50
CA ASP A 933 8.24 -17.94 16.90
C ASP A 933 8.25 -16.43 16.97
N ILE A 934 7.85 -15.88 18.10
CA ILE A 934 7.76 -14.43 18.26
C ILE A 934 8.08 -14.04 19.69
N LYS A 935 8.40 -12.75 19.87
CA LYS A 935 8.61 -12.17 21.19
C LYS A 935 7.73 -10.94 21.33
N ILE A 936 6.95 -10.89 22.40
CA ILE A 936 5.93 -9.86 22.59
C ILE A 936 6.26 -9.00 23.81
N GLN A 937 7.53 -8.73 24.03
CA GLN A 937 7.92 -7.76 25.04
C GLN A 937 7.35 -6.39 24.70
N ARG A 938 6.77 -5.72 25.69
CA ARG A 938 5.99 -4.51 25.46
C ARG A 938 6.90 -3.34 25.10
N LYS A 939 6.33 -2.37 24.39
CA LYS A 939 7.04 -1.18 23.95
C LYS A 939 6.34 0.06 24.50
N ASP A 940 7.14 1.03 24.92
CA ASP A 940 6.61 2.27 25.46
C ASP A 940 6.37 3.26 24.31
N LYS A 941 6.08 4.51 24.65
CA LYS A 941 5.80 5.52 23.64
C LYS A 941 7.08 5.99 22.96
N LYS A 942 6.90 6.63 21.81
CA LYS A 942 7.95 7.22 20.96
C LYS A 942 8.91 6.11 20.50
N GLY A 943 10.14 6.47 20.19
CA GLY A 943 11.13 5.52 19.75
C GLY A 943 12.02 5.02 20.87
N LYS A 944 11.46 4.93 22.07
CA LYS A 944 12.21 4.46 23.23
C LYS A 944 12.49 2.96 23.12
N VAL A 945 13.47 2.51 23.90
CA VAL A 945 13.90 1.13 23.88
C VAL A 945 12.85 0.26 24.58
N ILE A 946 12.97 -1.06 24.39
CA ILE A 946 12.06 -2.00 25.03
C ILE A 946 12.32 -2.03 26.53
N VAL A 947 11.27 -1.92 27.33
CA VAL A 947 11.42 -1.93 28.78
C VAL A 947 11.57 -3.37 29.28
N ASN A 948 12.09 -3.49 30.50
CA ASN A 948 12.29 -4.80 31.11
C ASN A 948 10.95 -5.40 31.54
N SER A 949 10.40 -6.24 30.69
CA SER A 949 9.10 -6.89 30.89
C SER A 949 9.26 -8.37 30.58
N PRO A 950 8.36 -9.21 31.10
CA PRO A 950 8.36 -10.62 30.69
C PRO A 950 8.11 -10.78 29.21
N VAL A 951 8.82 -11.72 28.60
CA VAL A 951 8.77 -11.95 27.16
C VAL A 951 7.90 -13.17 26.90
N TYR A 952 6.92 -13.02 26.02
CA TYR A 952 5.96 -14.06 25.72
C TYR A 952 6.14 -14.54 24.27
N THR A 953 5.94 -15.83 24.05
CA THR A 953 6.04 -16.42 22.72
C THR A 953 4.71 -17.03 22.35
N ILE A 954 4.19 -16.70 21.18
CA ILE A 954 2.98 -17.30 20.64
C ILE A 954 3.28 -17.86 19.25
N LYS A 955 2.41 -18.74 18.79
CA LYS A 955 2.54 -19.36 17.48
C LYS A 955 1.75 -18.53 16.47
N ILE A 956 2.48 -17.84 15.59
CA ILE A 956 1.91 -16.87 14.66
C ILE A 956 2.18 -17.36 13.24
N LYS A 957 1.13 -17.37 12.41
CA LYS A 957 1.30 -17.77 11.02
C LYS A 957 2.11 -16.71 10.27
N PRO A 958 2.91 -17.11 9.28
CA PRO A 958 3.69 -16.13 8.51
C PRO A 958 2.82 -15.25 7.61
N LYS A 959 1.61 -15.68 7.26
CA LYS A 959 0.74 -14.86 6.43
C LYS A 959 0.25 -13.64 7.19
N LYS A 960 -0.18 -13.81 8.43
CA LYS A 960 -0.68 -12.71 9.25
C LYS A 960 0.43 -12.08 10.09
N PHE A 961 1.53 -11.71 9.43
CA PHE A 961 2.70 -11.14 10.10
C PHE A 961 3.07 -9.80 9.45
N ASP A 962 2.09 -9.07 8.94
CA ASP A 962 2.33 -7.81 8.27
C ASP A 962 2.25 -6.66 9.28
N ASP A 963 2.17 -5.42 8.77
CA ASP A 963 2.31 -4.24 9.63
C ASP A 963 1.08 -4.00 10.50
N GLU A 964 -0.11 -4.37 10.01
CA GLU A 964 -1.31 -4.17 10.85
C GLU A 964 -1.32 -5.14 12.03
N TYR A 965 -0.66 -6.30 11.89
CA TYR A 965 -0.43 -7.14 13.06
C TYR A 965 0.54 -6.46 14.03
N GLN A 966 1.54 -5.76 13.52
CA GLN A 966 2.48 -5.07 14.39
C GLN A 966 1.81 -3.92 15.15
N TYR A 967 0.80 -3.29 14.55
CA TYR A 967 0.02 -2.32 15.31
C TYR A 967 -0.92 -3.01 16.31
N TYR A 968 -1.62 -4.05 15.87
CA TYR A 968 -2.62 -4.72 16.71
C TYR A 968 -1.99 -5.41 17.91
N GLU A 969 -0.76 -5.91 17.76
CA GLU A 969 -0.09 -6.60 18.86
C GLU A 969 0.18 -5.65 20.02
N GLN A 970 0.82 -4.51 19.73
CA GLN A 970 1.07 -3.51 20.77
C GLN A 970 -0.20 -2.82 21.23
N GLU A 971 -1.26 -2.82 20.41
CA GLU A 971 -2.52 -2.24 20.85
C GLU A 971 -3.21 -3.12 21.89
N HIS A 972 -3.33 -4.42 21.63
CA HIS A 972 -4.20 -5.24 22.47
C HIS A 972 -3.59 -6.54 22.99
N ILE A 973 -2.66 -7.14 22.23
CA ILE A 973 -2.24 -8.52 22.51
C ILE A 973 -1.41 -8.59 23.79
N VAL A 974 -0.50 -7.63 23.98
CA VAL A 974 0.36 -7.62 25.16
C VAL A 974 -0.47 -7.33 26.42
N ASP A 975 -1.44 -6.42 26.32
CA ASP A 975 -2.28 -6.13 27.48
C ASP A 975 -3.27 -7.25 27.77
N TYR A 976 -3.63 -8.03 26.75
CA TYR A 976 -4.47 -9.20 27.02
C TYR A 976 -3.67 -10.35 27.62
N ILE A 977 -2.41 -10.50 27.23
CA ILE A 977 -1.57 -11.54 27.81
C ILE A 977 -1.22 -11.20 29.26
N GLU A 978 -0.84 -9.94 29.51
CA GLU A 978 -0.35 -9.55 30.83
C GLU A 978 -1.48 -9.38 31.84
N ASN A 979 -2.44 -8.50 31.54
CA ASN A 979 -3.47 -8.15 32.53
C ASN A 979 -4.49 -9.27 32.70
N TYR A 980 -4.93 -9.88 31.61
CA TYR A 980 -5.80 -11.04 31.70
C TYR A 980 -4.96 -12.29 31.92
N GLU A 981 -5.61 -13.44 32.09
CA GLU A 981 -4.93 -14.70 32.37
C GLU A 981 -5.37 -15.76 31.39
N PRO A 982 -4.77 -15.81 30.20
CA PRO A 982 -5.15 -16.80 29.20
C PRO A 982 -4.50 -18.15 29.48
N LYS A 983 -5.11 -19.19 28.92
CA LYS A 983 -4.61 -20.55 29.02
C LYS A 983 -3.68 -20.85 27.85
N LYS A 984 -2.60 -21.59 28.14
CA LYS A 984 -1.59 -21.86 27.13
C LYS A 984 -2.01 -22.90 26.11
N GLY A 985 -3.14 -23.58 26.31
CA GLY A 985 -3.62 -24.53 25.33
C GLY A 985 -2.97 -25.90 25.47
N ILE A 986 -3.32 -26.77 24.51
CA ILE A 986 -2.84 -28.15 24.53
C ILE A 986 -1.35 -28.19 24.20
N ASP A 987 -0.91 -27.34 23.28
CA ASP A 987 0.48 -27.34 22.83
C ASP A 987 1.44 -26.94 23.94
N GLY A 988 1.04 -25.98 24.77
CA GLY A 988 1.92 -25.38 25.75
C GLY A 988 2.35 -23.97 25.42
N HIS A 989 2.00 -23.49 24.22
CA HIS A 989 2.22 -22.11 23.83
C HIS A 989 0.91 -21.54 23.29
N TRP A 990 0.74 -20.23 23.45
CA TRP A 990 -0.46 -19.58 22.95
C TRP A 990 -0.47 -19.56 21.43
N HIS A 991 -1.67 -19.53 20.87
CA HIS A 991 -1.86 -19.47 19.42
C HIS A 991 -2.52 -18.15 19.05
N PHE A 992 -2.13 -17.61 17.89
CA PHE A 992 -2.61 -16.28 17.50
C PHE A 992 -4.09 -16.26 17.17
N GLU A 993 -4.62 -17.37 16.62
CA GLU A 993 -6.03 -17.41 16.25
C GLU A 993 -6.94 -17.33 17.47
N GLU A 994 -6.63 -18.11 18.51
CA GLU A 994 -7.42 -18.08 19.74
C GLU A 994 -7.28 -16.74 20.46
N LEU A 995 -6.07 -16.18 20.47
CA LEU A 995 -5.84 -14.88 21.09
C LEU A 995 -6.64 -13.78 20.39
N ASN A 996 -6.63 -13.78 19.05
CA ASN A 996 -7.38 -12.78 18.28
C ASN A 996 -8.87 -12.94 18.49
N LYS A 997 -9.36 -14.19 18.51
CA LYS A 997 -10.78 -14.45 18.72
C LYS A 997 -11.22 -13.97 20.11
N LYS A 998 -10.42 -14.25 21.14
CA LYS A 998 -10.78 -13.83 22.49
C LYS A 998 -10.71 -12.31 22.66
N ILE A 999 -9.72 -11.66 22.05
CA ILE A 999 -9.60 -10.21 22.16
C ILE A 999 -10.76 -9.51 21.46
N LYS A 1000 -11.10 -9.95 20.24
CA LYS A 1000 -12.20 -9.33 19.52
C LYS A 1000 -13.55 -9.64 20.16
N ASP A 1001 -13.70 -10.83 20.76
CA ASP A 1001 -14.93 -11.13 21.49
C ASP A 1001 -15.06 -10.27 22.74
N GLU A 1002 -13.94 -10.02 23.43
CA GLU A 1002 -13.99 -9.14 24.59
C GLU A 1002 -14.20 -7.68 24.21
N LEU A 1003 -13.84 -7.29 22.99
CA LEU A 1003 -14.08 -5.93 22.54
C LEU A 1003 -15.41 -5.75 21.84
N ALA A 1004 -16.14 -6.82 21.53
CA ALA A 1004 -17.44 -6.69 20.88
C ALA A 1004 -18.50 -6.08 21.80
N ARG A 1005 -18.38 -6.26 23.11
CA ARG A 1005 -19.39 -5.82 24.07
C ARG A 1005 -19.18 -4.38 24.53
N TYR A 1006 -18.23 -3.69 23.92
CA TYR A 1006 -17.69 -2.44 24.42
C TYR A 1006 -18.65 -1.29 24.10
N LEU A 1007 -19.27 -1.36 22.92
CA LEU A 1007 -20.31 -0.41 22.57
C LEU A 1007 -21.59 -0.67 23.35
N ASP A 1008 -21.74 -1.88 23.88
CA ASP A 1008 -22.87 -2.20 24.75
C ASP A 1008 -22.65 -1.46 26.02
N ASP A 1009 -21.43 -1.52 26.49
CA ASP A 1009 -21.05 -0.79 27.69
C ASP A 1009 -21.31 0.72 27.56
N ILE A 1010 -20.92 1.29 26.41
CA ILE A 1010 -21.12 2.74 26.26
C ILE A 1010 -22.61 3.06 26.07
N TYR A 1011 -23.39 2.12 25.53
CA TYR A 1011 -24.84 2.32 25.44
C TYR A 1011 -25.48 2.34 26.82
N LEU A 1012 -25.05 1.43 27.70
CA LEU A 1012 -25.55 1.41 29.07
C LEU A 1012 -25.20 2.69 29.81
N LEU A 1013 -23.96 3.16 29.65
CA LEU A 1013 -23.54 4.40 30.30
C LEU A 1013 -24.32 5.61 29.79
N MET A 1014 -24.56 5.67 28.48
CA MET A 1014 -25.28 6.81 27.92
C MET A 1014 -26.76 6.79 28.33
N THR A 1015 -27.37 5.61 28.41
CA THR A 1015 -28.75 5.51 28.89
C THR A 1015 -28.86 5.94 30.35
N VAL A 1016 -27.91 5.49 31.18
CA VAL A 1016 -27.92 5.86 32.60
C VAL A 1016 -27.74 7.36 32.77
N GLU A 1017 -26.80 7.95 32.02
CA GLU A 1017 -26.56 9.38 32.13
C GLU A 1017 -27.73 10.20 31.59
N LYS A 1018 -28.39 9.71 30.53
CA LYS A 1018 -29.56 10.40 30.00
C LYS A 1018 -30.70 10.40 31.01
N HIS A 1019 -30.92 9.27 31.70
CA HIS A 1019 -31.92 9.24 32.76
C HIS A 1019 -31.54 10.14 33.93
N ILE A 1020 -30.24 10.31 34.18
CA ILE A 1020 -29.82 11.21 35.26
C ILE A 1020 -30.08 12.67 34.87
N VAL A 1021 -29.75 13.06 33.63
CA VAL A 1021 -29.84 14.48 33.29
C VAL A 1021 -31.24 14.89 32.87
N GLN A 1022 -32.11 13.93 32.52
CA GLN A 1022 -33.48 14.28 32.15
C GLN A 1022 -34.23 14.87 33.35
N LYS A 1023 -34.04 14.29 34.53
CA LYS A 1023 -34.46 14.95 35.75
C LYS A 1023 -33.40 15.98 36.16
N ASP A 1024 -33.84 16.97 36.94
CA ASP A 1024 -33.00 18.05 37.47
C ASP A 1024 -32.29 18.82 36.35
N PHE A 1025 -33.02 19.08 35.26
CA PHE A 1025 -32.45 19.77 34.11
C PHE A 1025 -32.13 21.23 34.46
N ASP A 1026 -33.02 21.88 35.18
CA ASP A 1026 -32.75 23.25 35.64
C ASP A 1026 -31.60 23.29 36.64
N LYS A 1027 -31.46 22.23 37.45
CA LYS A 1027 -30.35 22.13 38.38
C LYS A 1027 -29.01 22.08 37.65
N TYR A 1028 -28.94 21.31 36.56
CA TYR A 1028 -27.71 21.25 35.78
C TYR A 1028 -27.49 22.53 34.97
N ALA A 1029 -28.57 23.17 34.52
CA ALA A 1029 -28.44 24.38 33.72
C ALA A 1029 -28.04 25.58 34.57
N SER A 1030 -28.38 25.57 35.87
CA SER A 1030 -28.09 26.72 36.71
C SER A 1030 -26.62 26.83 37.08
N LEU A 1031 -25.85 25.77 36.93
CA LEU A 1031 -24.43 25.79 37.26
C LEU A 1031 -23.54 26.03 36.05
N LEU A 1032 -24.05 26.69 35.02
CA LEU A 1032 -23.25 27.23 33.92
C LEU A 1032 -23.69 28.69 33.74
N LYS A 1033 -23.08 29.60 34.49
CA LYS A 1033 -23.52 30.99 34.46
C LYS A 1033 -22.69 31.83 33.50
N GLU A 1034 -21.41 32.01 33.81
CA GLU A 1034 -20.44 32.79 33.02
C GLU A 1034 -19.06 32.58 33.63
N LYS A 1035 -18.04 32.73 32.78
CA LYS A 1035 -16.64 32.64 33.19
C LYS A 1035 -15.89 33.84 32.59
N ASP A 1036 -16.48 35.03 32.80
CA ASP A 1036 -16.28 36.33 32.15
C ASP A 1036 -16.78 36.30 30.70
N SER A 1037 -17.33 35.18 30.23
CA SER A 1037 -17.87 35.02 28.89
C SER A 1037 -18.78 33.80 28.93
N LYS A 1038 -19.18 33.35 27.75
CA LYS A 1038 -19.96 32.11 27.66
C LYS A 1038 -19.06 30.91 27.91
N LEU A 1039 -19.46 30.05 28.85
CA LEU A 1039 -18.76 28.79 29.09
C LEU A 1039 -19.10 27.82 27.97
N PRO A 1040 -18.31 26.76 27.78
CA PRO A 1040 -18.80 25.62 27.01
C PRO A 1040 -20.04 25.04 27.65
N PRO A 1041 -21.15 24.90 26.89
CA PRO A 1041 -22.42 24.50 27.50
C PRO A 1041 -22.47 23.06 27.98
N TYR A 1042 -21.49 22.23 27.64
CA TYR A 1042 -21.48 20.86 28.13
C TYR A 1042 -21.12 20.84 29.62
N TYR A 1043 -21.87 20.05 30.39
CA TYR A 1043 -21.64 19.88 31.81
C TYR A 1043 -21.05 18.52 32.15
N ILE A 1044 -21.49 17.47 31.44
CA ILE A 1044 -20.97 16.12 31.66
C ILE A 1044 -19.51 16.04 31.24
N GLY A 1045 -18.63 15.89 32.22
CA GLY A 1045 -17.23 15.59 32.00
C GLY A 1045 -16.75 14.62 33.04
N PHE A 1046 -17.66 14.23 33.94
CA PHE A 1046 -17.50 13.25 35.02
C PHE A 1046 -16.46 13.66 36.06
N LYS A 1047 -15.94 14.89 36.01
CA LYS A 1047 -14.96 15.33 36.99
C LYS A 1047 -15.13 16.79 37.37
N ARG A 1048 -16.37 17.28 37.35
CA ARG A 1048 -16.63 18.67 37.75
C ARG A 1048 -16.47 18.83 39.25
N ASN A 1049 -15.88 19.96 39.66
CA ASN A 1049 -15.52 20.15 41.05
C ASN A 1049 -16.68 20.62 41.92
N ASP A 1050 -17.77 21.10 41.33
CA ASP A 1050 -18.85 21.70 42.10
C ASP A 1050 -19.90 20.66 42.53
N ILE A 1051 -20.39 19.87 41.60
CA ILE A 1051 -21.38 18.84 41.92
C ILE A 1051 -20.99 17.46 41.40
N ALA A 1052 -20.09 17.37 40.41
CA ALA A 1052 -19.61 16.14 39.76
C ALA A 1052 -20.72 15.33 39.10
N LEU A 1053 -20.33 14.24 38.43
CA LEU A 1053 -21.34 13.37 37.84
C LEU A 1053 -21.07 11.91 38.21
N ASN A 1054 -19.81 11.53 38.36
CA ASN A 1054 -19.51 10.19 38.83
C ASN A 1054 -19.88 10.01 40.29
N LYS A 1055 -19.76 11.07 41.09
CA LYS A 1055 -20.23 11.04 42.47
C LYS A 1055 -21.76 10.95 42.51
N VAL A 1056 -22.44 11.60 41.56
CA VAL A 1056 -23.90 11.57 41.50
C VAL A 1056 -24.40 10.16 41.23
N ILE A 1057 -23.76 9.47 40.29
CA ILE A 1057 -24.10 8.06 40.06
C ILE A 1057 -23.61 7.19 41.23
N PHE A 1058 -22.55 7.61 41.92
CA PHE A 1058 -21.99 6.82 43.01
C PHE A 1058 -22.95 6.72 44.20
N ASP A 1059 -23.59 7.83 44.58
CA ASP A 1059 -24.59 7.79 45.64
C ASP A 1059 -25.99 7.51 45.12
N ALA A 1060 -26.13 7.17 43.84
CA ALA A 1060 -27.41 6.81 43.25
C ALA A 1060 -27.76 5.37 43.57
N LEU A 1061 -28.73 4.80 42.86
CA LEU A 1061 -29.21 3.43 43.08
C LEU A 1061 -28.21 2.33 42.67
N LYS A 1062 -26.95 2.67 42.36
CA LYS A 1062 -25.91 1.68 42.12
C LYS A 1062 -25.60 0.93 43.40
N HIS A 1063 -26.01 -0.33 43.47
CA HIS A 1063 -25.57 -1.20 44.56
C HIS A 1063 -24.09 -1.50 44.40
N LYS A 1064 -23.38 -1.56 45.52
CA LYS A 1064 -21.95 -1.82 45.45
C LYS A 1064 -21.48 -2.52 46.71
N GLY A 1065 -20.45 -3.35 46.54
CA GLY A 1065 -19.71 -3.90 47.66
C GLY A 1065 -18.22 -3.64 47.52
N SER A 1066 -17.78 -3.44 46.28
CA SER A 1066 -16.38 -3.17 45.95
C SER A 1066 -16.40 -2.22 44.75
N PHE A 1067 -16.20 -0.93 45.03
CA PHE A 1067 -16.43 0.09 44.03
C PHE A 1067 -15.63 1.33 44.39
N SER A 1068 -15.53 2.24 43.43
CA SER A 1068 -14.99 3.58 43.67
C SER A 1068 -15.51 4.50 42.57
N ALA A 1069 -15.64 5.78 42.92
CA ALA A 1069 -15.97 6.78 41.91
C ALA A 1069 -14.82 6.95 40.93
N ASP A 1070 -13.58 6.87 41.42
CA ASP A 1070 -12.42 6.86 40.55
C ASP A 1070 -12.38 5.62 39.67
N ASP A 1071 -12.84 4.48 40.20
CA ASP A 1071 -12.94 3.27 39.40
C ASP A 1071 -13.98 3.41 38.29
N LEU A 1072 -15.10 4.08 38.58
CA LEU A 1072 -16.10 4.34 37.55
C LEU A 1072 -15.58 5.30 36.49
N ASN A 1073 -14.80 6.31 36.91
CA ASN A 1073 -14.18 7.22 35.95
C ASN A 1073 -13.17 6.51 35.06
N ILE A 1074 -12.36 5.63 35.63
CA ILE A 1074 -11.39 4.85 34.87
C ILE A 1074 -12.11 3.93 33.88
N TYR A 1075 -13.20 3.31 34.33
CA TYR A 1075 -14.01 2.45 33.47
C TYR A 1075 -14.64 3.23 32.32
N ARG A 1076 -15.11 4.45 32.59
CA ARG A 1076 -15.69 5.28 31.54
C ARG A 1076 -14.64 5.73 30.52
N ILE A 1077 -13.45 6.11 31.00
CA ILE A 1077 -12.37 6.50 30.09
C ILE A 1077 -11.97 5.33 29.20
N ASN A 1078 -11.92 4.13 29.79
CA ASN A 1078 -11.59 2.92 29.03
C ASN A 1078 -12.66 2.58 28.01
N VAL A 1079 -13.95 2.74 28.33
CA VAL A 1079 -14.94 2.39 27.32
C VAL A 1079 -15.03 3.49 26.26
N LEU A 1080 -14.63 4.71 26.60
CA LEU A 1080 -14.55 5.75 25.59
C LEU A 1080 -13.43 5.49 24.59
N HIS A 1081 -12.24 5.14 25.08
CA HIS A 1081 -11.05 5.08 24.25
C HIS A 1081 -10.76 3.71 23.67
N GLN A 1082 -11.57 2.69 24.02
CA GLN A 1082 -11.37 1.28 23.60
C GLN A 1082 -9.99 0.75 23.99
N ILE A 1083 -9.74 0.77 25.29
CA ILE A 1083 -8.54 0.19 25.89
C ILE A 1083 -8.98 -0.96 26.78
N LEU A 1084 -8.21 -2.05 26.78
CA LEU A 1084 -8.58 -3.25 27.52
C LEU A 1084 -8.54 -3.02 29.02
N GLN A 1085 -9.48 -3.65 29.73
CA GLN A 1085 -9.68 -3.41 31.15
C GLN A 1085 -8.53 -3.99 31.97
N PRO A 1086 -8.17 -3.35 33.10
CA PRO A 1086 -7.10 -3.88 33.95
C PRO A 1086 -7.47 -5.19 34.63
N LYS A 1087 -8.62 -5.23 35.28
CA LYS A 1087 -9.09 -6.42 35.97
C LYS A 1087 -10.42 -6.84 35.37
N ARG A 1088 -10.52 -8.12 34.99
CA ARG A 1088 -11.75 -8.63 34.41
C ARG A 1088 -12.86 -8.74 35.45
N GLU A 1089 -12.51 -9.07 36.69
CA GLU A 1089 -13.51 -9.36 37.71
C GLU A 1089 -14.23 -8.11 38.19
N LYS A 1090 -13.49 -7.01 38.39
CA LYS A 1090 -14.11 -5.76 38.83
C LYS A 1090 -15.00 -5.17 37.73
N TYR A 1091 -14.55 -5.26 36.48
CA TYR A 1091 -15.32 -4.81 35.33
C TYR A 1091 -16.66 -5.55 35.22
N ILE A 1092 -16.66 -6.84 35.56
CA ILE A 1092 -17.90 -7.61 35.60
C ILE A 1092 -18.83 -7.08 36.69
N ILE A 1093 -18.27 -6.69 37.84
CA ILE A 1093 -19.07 -6.14 38.93
C ILE A 1093 -19.71 -4.82 38.53
N ILE A 1094 -18.95 -3.94 37.87
CA ILE A 1094 -19.48 -2.66 37.41
C ILE A 1094 -20.56 -2.87 36.35
N ARG A 1095 -20.34 -3.81 35.43
CA ARG A 1095 -21.33 -4.12 34.40
C ARG A 1095 -22.61 -4.67 35.00
N LYS A 1096 -22.49 -5.55 36.00
CA LYS A 1096 -23.68 -6.13 36.65
C LYS A 1096 -24.45 -5.06 37.42
N SER A 1097 -23.73 -4.16 38.09
CA SER A 1097 -24.39 -3.06 38.79
C SER A 1097 -25.14 -2.16 37.84
N LEU A 1098 -24.54 -1.83 36.69
CA LEU A 1098 -25.22 -0.98 35.71
C LEU A 1098 -26.40 -1.68 35.06
N ILE A 1099 -26.29 -2.99 34.85
CA ILE A 1099 -27.40 -3.77 34.30
C ILE A 1099 -28.58 -3.76 35.28
N GLU A 1100 -28.30 -3.97 36.56
CA GLU A 1100 -29.36 -3.99 37.57
C GLU A 1100 -29.97 -2.61 37.76
N TYR A 1101 -29.16 -1.55 37.68
CA TYR A 1101 -29.68 -0.20 37.81
C TYR A 1101 -30.54 0.18 36.62
N CYS A 1102 -30.16 -0.25 35.41
CA CYS A 1102 -31.00 -0.01 34.25
C CYS A 1102 -32.30 -0.80 34.31
N ALA A 1103 -32.25 -2.03 34.82
CA ALA A 1103 -33.44 -2.85 34.92
C ALA A 1103 -34.35 -2.44 36.07
N GLU A 1104 -33.83 -1.67 37.04
CA GLU A 1104 -34.67 -1.18 38.14
C GLU A 1104 -35.68 -0.15 37.65
N ASN A 1105 -35.22 0.82 36.87
CA ASN A 1105 -36.04 1.96 36.45
C ASN A 1105 -36.74 1.73 35.12
N LYS A 1106 -36.65 0.52 34.56
CA LYS A 1106 -37.20 0.15 33.25
C LYS A 1106 -36.72 1.10 32.16
N LEU A 1107 -35.42 1.37 32.18
CA LEU A 1107 -34.83 2.41 31.33
C LEU A 1107 -34.83 1.98 29.87
N LEU A 1108 -34.40 0.76 29.59
CA LEU A 1108 -34.24 0.30 28.23
C LEU A 1108 -35.61 0.01 27.61
N LYS A 1109 -35.62 -0.14 26.28
CA LYS A 1109 -36.86 -0.51 25.61
C LYS A 1109 -37.26 -1.95 25.88
N THR A 1110 -36.32 -2.78 26.34
CA THR A 1110 -36.66 -4.10 26.84
C THR A 1110 -37.21 -4.07 28.26
N MET A 1111 -37.14 -2.91 28.92
CA MET A 1111 -37.66 -2.68 30.28
C MET A 1111 -37.12 -3.66 31.32
#